data_4APN
#
_entry.id   4APN
#
_cell.length_a   102.561
_cell.length_b   102.561
_cell.length_c   191.985
_cell.angle_alpha   90.00
_cell.angle_beta   90.00
_cell.angle_gamma   90.00
#
_symmetry.space_group_name_H-M   'P 41'
#
loop_
_entity.id
_entity.type
_entity.pdbx_description
1 polymer 'TRYPANOTHIONE REDUCTASE'
2 non-polymer 'FLAVIN-ADENINE DINUCLEOTIDE'
3 non-polymer 'NADPH DIHYDRO-NICOTINAMIDE-ADENINE-DINUCLEOTIDE PHOSPHATE'
4 non-polymer 4-[[1-(4-ethylphenyl)-2-methyl-5-(4-methylsulfanylphenyl)pyrrol-3-yl]methyl]thiomorpholine
5 water water
#
_entity_poly.entity_id   1
_entity_poly.type   'polypeptide(L)'
_entity_poly.pdbx_seq_one_letter_code
;MGSSHHHHHHSSGLVPRGSHMSRAYDLVVLGAGSGGLEAGWNAAVTHKKKVAVVDVQATHGPPLFAALGGTCVNVGCVPK
KLMVTGAQYMDLIRESGGFGWEMDRESLCPNWKTLIAAKNKVVNSINESYKSMFADTEGLSFHMGFGALQDAHTVVVRKS
EDPHSDVLETLDTEYILIATGSWPTRLGVPGDEFCITSNEAFYLEDAPKRMLCVGGGYIAVEFAGIFNGYKPCGGYVDLC
YRGDLILRGFDTEVRKSLTKQLGANGIRVRTNLNPTKITKNEDGSNHVHFNDGTEEDYDQVMLAIGRVPRSQALQLDKAG
VRTGKNGAVQVDAYSKTSVDNIYAIGDVTNRVMLTPVAINEGAAFVETVFGGKPRATDHTKVACAVFSIPPIGTCGMTEE
EAAKNYETVAVYASSFTPLMHNISGSKHKEFMIRIITNESNGEVLGVHMLGDSAPEIIQSVGICMKMGAKISDFHSTIGV
HPTSAEELCSMRTPAYFYESGKRVEKLSSNL
;
_entity_poly.pdbx_strand_id   A,B
#
# COMPACT_ATOMS: atom_id res chain seq x y z
N MET A 21 6.38 45.30 -25.42
CA MET A 21 4.90 45.45 -25.26
C MET A 21 4.42 44.91 -23.91
N SER A 22 3.49 45.65 -23.29
CA SER A 22 2.85 45.23 -22.04
C SER A 22 1.33 45.18 -22.22
N ARG A 23 0.73 44.08 -21.77
CA ARG A 23 -0.69 43.81 -22.01
C ARG A 23 -1.45 43.62 -20.70
N ALA A 24 -2.75 43.41 -20.79
CA ALA A 24 -3.63 43.25 -19.62
C ALA A 24 -3.19 42.14 -18.67
N TYR A 25 -2.90 40.96 -19.23
CA TYR A 25 -2.39 39.81 -18.49
C TYR A 25 -1.16 39.26 -19.20
N ASP A 26 -0.32 38.51 -18.48
CA ASP A 26 0.77 37.79 -19.14
C ASP A 26 0.49 36.28 -19.32
N LEU A 27 -0.62 35.81 -18.74
CA LEU A 27 -1.08 34.44 -18.95
C LEU A 27 -2.60 34.36 -18.88
N VAL A 28 -3.20 33.80 -19.91
CA VAL A 28 -4.61 33.39 -19.88
C VAL A 28 -4.67 31.88 -20.02
N VAL A 29 -5.20 31.22 -19.00
CA VAL A 29 -5.35 29.77 -19.00
C VAL A 29 -6.80 29.41 -19.36
N LEU A 30 -6.97 28.67 -20.45
CA LEU A 30 -8.28 28.14 -20.81
C LEU A 30 -8.44 26.77 -20.17
N GLY A 31 -9.26 26.71 -19.13
CA GLY A 31 -9.49 25.48 -18.39
C GLY A 31 -8.84 25.53 -17.03
N ALA A 32 -9.67 25.61 -16.00
CA ALA A 32 -9.22 25.54 -14.61
C ALA A 32 -9.15 24.08 -14.17
N GLY A 33 -8.26 23.33 -14.80
CA GLY A 33 -8.14 21.90 -14.54
C GLY A 33 -6.93 21.57 -13.69
N SER A 34 -6.53 20.29 -13.72
CA SER A 34 -5.36 19.82 -12.99
C SER A 34 -4.09 20.51 -13.48
N GLY A 35 -3.94 20.59 -14.81
CA GLY A 35 -2.81 21.28 -15.41
C GLY A 35 -2.96 22.79 -15.38
N GLY A 36 -4.17 23.25 -15.66
CA GLY A 36 -4.47 24.68 -15.70
C GLY A 36 -4.21 25.41 -14.39
N LEU A 37 -4.81 24.90 -13.32
CA LEU A 37 -4.66 25.47 -11.98
C LEU A 37 -3.25 25.30 -11.41
N GLU A 38 -2.46 24.41 -12.01
CA GLU A 38 -1.06 24.25 -11.63
C GLU A 38 -0.24 25.38 -12.23
N ALA A 39 -0.43 25.62 -13.52
CA ALA A 39 0.27 26.68 -14.23
C ALA A 39 -0.20 28.06 -13.76
N GLY A 40 -1.50 28.17 -13.51
CA GLY A 40 -2.09 29.42 -13.02
C GLY A 40 -1.49 29.84 -11.70
N TRP A 41 -1.59 28.96 -10.71
CA TRP A 41 -1.06 29.19 -9.37
C TRP A 41 0.42 29.57 -9.39
N ASN A 42 1.24 28.72 -10.02
CA ASN A 42 2.70 28.85 -9.99
C ASN A 42 3.22 30.14 -10.62
N ALA A 43 2.65 30.51 -11.76
CA ALA A 43 3.02 31.74 -12.46
C ALA A 43 2.72 32.95 -11.59
N ALA A 44 1.56 32.93 -10.93
CA ALA A 44 1.09 34.05 -10.12
C ALA A 44 1.77 34.18 -8.76
N VAL A 45 2.16 33.05 -8.17
CA VAL A 45 2.67 33.05 -6.79
C VAL A 45 4.19 33.11 -6.72
N THR A 46 4.87 32.21 -7.42
CA THR A 46 6.34 32.16 -7.40
C THR A 46 6.99 33.17 -8.34
N HIS A 47 6.28 33.55 -9.40
CA HIS A 47 6.81 34.51 -10.38
C HIS A 47 6.05 35.83 -10.45
N LYS A 48 4.98 35.94 -9.65
CA LYS A 48 4.18 37.16 -9.53
C LYS A 48 3.67 37.71 -10.86
N LYS A 49 3.19 36.82 -11.71
CA LYS A 49 2.57 37.22 -12.97
C LYS A 49 1.07 37.45 -12.81
N LYS A 50 0.47 38.09 -13.81
CA LYS A 50 -0.95 38.42 -13.82
C LYS A 50 -1.67 37.35 -14.63
N VAL A 51 -2.30 36.41 -13.92
CA VAL A 51 -2.86 35.21 -14.56
C VAL A 51 -4.39 35.19 -14.52
N ALA A 52 -4.99 35.13 -15.70
CA ALA A 52 -6.43 34.95 -15.84
C ALA A 52 -6.72 33.48 -16.13
N VAL A 53 -7.69 32.92 -15.40
CA VAL A 53 -8.04 31.51 -15.57
C VAL A 53 -9.52 31.40 -15.95
N VAL A 54 -9.77 30.87 -17.14
CA VAL A 54 -11.13 30.72 -17.65
C VAL A 54 -11.64 29.29 -17.44
N ASP A 55 -12.85 29.16 -16.92
CA ASP A 55 -13.54 27.88 -16.88
C ASP A 55 -15.04 28.08 -17.07
N VAL A 56 -15.72 26.99 -17.40
CA VAL A 56 -17.13 27.00 -17.78
C VAL A 56 -18.08 27.38 -16.62
N GLN A 57 -17.85 26.79 -15.45
CA GLN A 57 -18.65 27.10 -14.26
C GLN A 57 -17.80 27.05 -12.99
N ALA A 58 -18.41 27.42 -11.86
CA ALA A 58 -17.68 27.58 -10.60
C ALA A 58 -17.74 26.36 -9.68
N THR A 59 -18.89 25.70 -9.63
CA THR A 59 -19.05 24.48 -8.83
C THR A 59 -19.62 23.35 -9.68
N HIS A 60 -19.31 22.12 -9.31
CA HIS A 60 -19.78 20.92 -10.01
C HIS A 60 -21.29 20.92 -10.21
N GLY A 61 -21.74 20.38 -11.34
CA GLY A 61 -23.17 20.36 -11.65
C GLY A 61 -23.53 19.84 -13.03
N PRO A 62 -24.67 19.14 -13.14
CA PRO A 62 -25.17 18.46 -14.33
C PRO A 62 -25.12 19.20 -15.69
N PRO A 63 -25.71 20.42 -15.81
CA PRO A 63 -25.82 20.98 -17.17
C PRO A 63 -24.52 20.84 -17.98
N LEU A 64 -23.42 21.29 -17.39
CA LEU A 64 -22.08 21.14 -17.97
C LEU A 64 -21.14 20.69 -16.85
N PHE A 65 -20.94 19.38 -16.76
CA PHE A 65 -20.43 18.70 -15.56
C PHE A 65 -19.12 19.22 -14.97
N ALA A 66 -18.14 19.49 -15.84
CA ALA A 66 -16.83 20.00 -15.42
C ALA A 66 -16.95 21.39 -14.81
N ALA A 67 -16.01 21.73 -13.93
CA ALA A 67 -16.03 23.02 -13.24
C ALA A 67 -14.63 23.49 -12.82
N LEU A 68 -14.59 24.36 -11.81
CA LEU A 68 -13.36 24.81 -11.20
C LEU A 68 -12.70 23.63 -10.49
N GLY A 69 -11.49 23.30 -10.93
CA GLY A 69 -10.79 22.11 -10.43
C GLY A 69 -10.65 21.05 -11.51
N GLY A 70 -11.39 21.22 -12.61
CA GLY A 70 -11.34 20.31 -13.75
C GLY A 70 -12.04 18.99 -13.53
N THR A 71 -11.80 18.03 -14.42
CA THR A 71 -12.41 16.71 -14.32
C THR A 71 -11.97 15.98 -13.06
N CYS A 72 -10.66 16.04 -12.76
CA CYS A 72 -10.11 15.42 -11.56
C CYS A 72 -10.98 15.63 -10.32
N VAL A 73 -11.25 16.90 -10.03
CA VAL A 73 -12.01 17.29 -8.84
C VAL A 73 -13.50 16.98 -8.99
N ASN A 74 -14.08 17.43 -10.11
CA ASN A 74 -15.52 17.48 -10.27
C ASN A 74 -16.17 16.18 -10.73
N VAL A 75 -15.65 15.60 -11.81
CA VAL A 75 -16.24 14.38 -12.40
C VAL A 75 -15.17 13.36 -12.80
N GLY A 76 -14.21 13.12 -11.93
CA GLY A 76 -13.08 12.24 -12.24
C GLY A 76 -12.44 11.59 -11.03
N CYS A 77 -11.11 11.72 -10.94
CA CYS A 77 -10.30 11.04 -9.91
C CYS A 77 -10.95 11.02 -8.54
N VAL A 78 -11.32 12.20 -8.05
CA VAL A 78 -11.77 12.38 -6.67
C VAL A 78 -13.12 11.71 -6.38
N PRO A 79 -14.19 12.12 -7.09
CA PRO A 79 -15.48 11.46 -6.84
C PRO A 79 -15.47 9.97 -7.15
N LYS A 80 -14.70 9.57 -8.16
CA LYS A 80 -14.56 8.16 -8.53
C LYS A 80 -13.97 7.36 -7.36
N LYS A 81 -12.82 7.78 -6.86
CA LYS A 81 -12.15 7.08 -5.76
C LYS A 81 -13.05 6.93 -4.54
N LEU A 82 -13.78 7.98 -4.19
CA LEU A 82 -14.72 7.97 -3.06
C LEU A 82 -15.79 6.90 -3.25
N MET A 83 -16.36 6.83 -4.46
CA MET A 83 -17.41 5.87 -4.78
C MET A 83 -16.87 4.45 -4.84
N VAL A 84 -15.65 4.28 -5.33
CA VAL A 84 -14.96 2.98 -5.32
C VAL A 84 -14.69 2.52 -3.88
N THR A 85 -14.30 3.46 -3.02
CA THR A 85 -14.07 3.18 -1.61
C THR A 85 -15.35 2.72 -0.92
N GLY A 86 -16.47 3.34 -1.29
CA GLY A 86 -17.77 2.99 -0.73
C GLY A 86 -18.23 1.61 -1.17
N ALA A 87 -17.98 1.31 -2.45
CA ALA A 87 -18.34 0.01 -3.04
C ALA A 87 -17.50 -1.13 -2.48
N GLN A 88 -16.28 -0.80 -2.06
CA GLN A 88 -15.34 -1.77 -1.51
C GLN A 88 -15.79 -2.30 -0.14
N TYR A 89 -16.76 -1.63 0.46
CA TYR A 89 -17.27 -2.03 1.77
C TYR A 89 -18.14 -3.28 1.68
N MET A 90 -18.79 -3.47 0.54
CA MET A 90 -19.59 -4.68 0.28
C MET A 90 -18.76 -5.92 0.56
N ASP A 91 -17.54 -5.94 0.02
CA ASP A 91 -16.60 -7.03 0.24
C ASP A 91 -16.17 -7.10 1.71
N LEU A 92 -15.70 -5.96 2.24
CA LEU A 92 -15.14 -5.89 3.59
C LEU A 92 -16.13 -6.32 4.67
N ILE A 93 -17.40 -5.96 4.50
CA ILE A 93 -18.45 -6.36 5.43
C ILE A 93 -18.68 -7.88 5.37
N ARG A 94 -18.71 -8.42 4.16
CA ARG A 94 -18.80 -9.87 3.97
C ARG A 94 -17.58 -10.58 4.55
N GLU A 95 -16.40 -10.01 4.31
CA GLU A 95 -15.14 -10.58 4.77
C GLU A 95 -14.99 -10.54 6.29
N SER A 96 -15.68 -9.61 6.95
CA SER A 96 -15.59 -9.44 8.40
C SER A 96 -16.20 -10.61 9.17
N GLY A 97 -17.22 -11.23 8.56
CA GLY A 97 -17.95 -12.34 9.15
C GLY A 97 -17.07 -13.49 9.61
N GLY A 98 -16.12 -13.87 8.75
CA GLY A 98 -15.17 -14.94 9.06
C GLY A 98 -14.26 -14.62 10.23
N PHE A 99 -14.08 -13.33 10.50
CA PHE A 99 -13.23 -12.88 11.60
C PHE A 99 -13.99 -12.70 12.91
N GLY A 100 -15.31 -12.87 12.87
CA GLY A 100 -16.14 -12.89 14.06
C GLY A 100 -17.11 -11.74 14.20
N TRP A 101 -17.37 -11.04 13.10
CA TRP A 101 -18.28 -9.90 13.11
C TRP A 101 -19.65 -10.29 12.58
N GLU A 102 -20.62 -10.32 13.49
CA GLU A 102 -21.97 -10.80 13.19
C GLU A 102 -22.96 -9.65 13.08
N MET A 103 -23.82 -9.70 12.07
CA MET A 103 -24.85 -8.67 11.82
C MET A 103 -25.93 -9.19 10.87
N ASP A 104 -26.92 -8.35 10.57
CA ASP A 104 -27.98 -8.70 9.61
C ASP A 104 -27.44 -8.68 8.17
N ARG A 105 -26.99 -9.84 7.72
CA ARG A 105 -26.45 -9.98 6.35
C ARG A 105 -27.57 -10.29 5.36
N GLU A 106 -28.80 -10.43 5.89
CA GLU A 106 -30.00 -10.71 5.09
C GLU A 106 -30.40 -9.51 4.23
N SER A 107 -30.28 -9.67 2.90
CA SER A 107 -30.66 -8.65 1.90
C SER A 107 -29.96 -7.30 2.08
N LEU A 108 -28.69 -7.34 2.49
CA LEU A 108 -27.91 -6.13 2.78
C LEU A 108 -27.54 -5.37 1.50
N CYS A 109 -28.23 -4.25 1.29
CA CYS A 109 -27.95 -3.35 0.17
C CYS A 109 -27.67 -1.93 0.66
N PRO A 110 -26.85 -1.17 -0.10
CA PRO A 110 -26.41 0.14 0.36
C PRO A 110 -27.32 1.29 -0.08
N ASN A 111 -27.15 2.45 0.54
CA ASN A 111 -27.91 3.65 0.22
C ASN A 111 -27.14 4.51 -0.78
N TRP A 112 -27.58 4.47 -2.04
CA TRP A 112 -26.91 5.17 -3.13
C TRP A 112 -27.01 6.69 -2.99
N LYS A 113 -28.19 7.18 -2.63
CA LYS A 113 -28.42 8.63 -2.58
C LYS A 113 -27.71 9.34 -1.43
N THR A 114 -27.37 8.61 -0.37
CA THR A 114 -26.59 9.17 0.73
C THR A 114 -25.10 9.12 0.44
N LEU A 115 -24.71 8.29 -0.53
CA LEU A 115 -23.34 8.27 -1.04
C LEU A 115 -23.11 9.48 -1.95
N ILE A 116 -24.01 9.65 -2.91
CA ILE A 116 -23.96 10.80 -3.84
C ILE A 116 -24.00 12.12 -3.06
N ALA A 117 -24.85 12.18 -2.04
CA ALA A 117 -24.97 13.35 -1.18
C ALA A 117 -23.64 13.67 -0.50
N ALA A 118 -23.02 12.65 0.10
CA ALA A 118 -21.72 12.79 0.76
C ALA A 118 -20.63 13.14 -0.23
N LYS A 119 -20.69 12.55 -1.42
CA LYS A 119 -19.77 12.83 -2.51
C LYS A 119 -19.85 14.30 -2.93
N ASN A 120 -21.09 14.80 -3.08
CA ASN A 120 -21.33 16.19 -3.45
C ASN A 120 -20.76 17.18 -2.43
N LYS A 121 -20.93 16.86 -1.15
CA LYS A 121 -20.45 17.73 -0.07
C LYS A 121 -18.94 17.93 -0.15
N VAL A 122 -18.21 16.85 -0.44
CA VAL A 122 -16.75 16.88 -0.56
C VAL A 122 -16.31 17.62 -1.83
N VAL A 123 -16.91 17.30 -2.96
CA VAL A 123 -16.60 17.95 -4.23
C VAL A 123 -16.86 19.46 -4.13
N ASN A 124 -18.00 19.81 -3.52
CA ASN A 124 -18.40 21.20 -3.35
C ASN A 124 -17.42 22.01 -2.49
N SER A 125 -16.93 21.40 -1.42
CA SER A 125 -16.01 22.07 -0.52
C SER A 125 -14.63 22.26 -1.14
N ILE A 126 -14.33 21.48 -2.17
CA ILE A 126 -13.11 21.69 -2.96
C ILE A 126 -13.36 22.80 -3.99
N ASN A 127 -14.57 22.82 -4.55
CA ASN A 127 -15.00 23.93 -5.40
C ASN A 127 -14.94 25.26 -4.65
N GLU A 128 -15.23 25.20 -3.35
CA GLU A 128 -15.20 26.38 -2.49
C GLU A 128 -13.77 26.75 -2.11
N SER A 129 -12.95 25.73 -1.89
CA SER A 129 -11.54 25.92 -1.54
C SER A 129 -10.77 26.58 -2.69
N TYR A 130 -11.12 26.22 -3.92
CA TYR A 130 -10.51 26.84 -5.09
C TYR A 130 -11.04 28.24 -5.33
N LYS A 131 -12.26 28.51 -4.88
CA LYS A 131 -12.89 29.82 -5.01
C LYS A 131 -12.20 30.85 -4.12
N SER A 132 -11.85 30.43 -2.90
CA SER A 132 -11.17 31.29 -1.94
C SER A 132 -9.65 31.33 -2.17
N MET A 133 -9.16 30.51 -3.09
CA MET A 133 -7.77 30.58 -3.52
C MET A 133 -7.56 31.81 -4.40
N PHE A 134 -8.53 32.07 -5.27
CA PHE A 134 -8.47 33.21 -6.20
C PHE A 134 -8.56 34.55 -5.49
N ALA A 135 -9.37 34.59 -4.43
CA ALA A 135 -9.55 35.80 -3.63
C ALA A 135 -8.31 36.13 -2.80
N ASP A 136 -7.58 35.09 -2.38
CA ASP A 136 -6.39 35.25 -1.54
C ASP A 136 -5.08 35.40 -2.33
N THR A 137 -5.12 35.10 -3.62
CA THR A 137 -3.95 35.23 -4.48
C THR A 137 -4.09 36.43 -5.42
N GLU A 138 -3.11 37.33 -5.34
CA GLU A 138 -3.06 38.51 -6.19
C GLU A 138 -2.49 38.15 -7.55
N GLY A 139 -3.05 38.74 -8.60
CA GLY A 139 -2.66 38.44 -9.98
C GLY A 139 -3.49 37.31 -10.55
N LEU A 140 -3.98 36.43 -9.68
CA LEU A 140 -4.77 35.27 -10.07
C LEU A 140 -6.26 35.60 -10.00
N SER A 141 -6.91 35.63 -11.18
CA SER A 141 -8.32 35.96 -11.27
C SER A 141 -9.10 34.91 -12.08
N PHE A 142 -10.31 34.60 -11.62
CA PHE A 142 -11.16 33.60 -12.27
C PHE A 142 -12.21 34.26 -13.15
N HIS A 143 -12.39 33.72 -14.35
CA HIS A 143 -13.31 34.28 -15.34
C HIS A 143 -14.26 33.22 -15.87
N MET A 144 -15.51 33.28 -15.43
CA MET A 144 -16.50 32.25 -15.74
C MET A 144 -17.16 32.47 -17.11
N GLY A 145 -17.06 31.45 -17.96
CA GLY A 145 -17.62 31.47 -19.31
C GLY A 145 -16.92 30.50 -20.24
N PHE A 146 -17.19 30.61 -21.53
CA PHE A 146 -16.58 29.74 -22.53
C PHE A 146 -15.46 30.45 -23.28
N GLY A 147 -14.22 30.16 -22.88
CA GLY A 147 -13.04 30.72 -23.52
C GLY A 147 -12.81 30.17 -24.92
N ALA A 148 -12.48 31.07 -25.84
CA ALA A 148 -12.16 30.73 -27.23
C ALA A 148 -11.11 31.71 -27.74
N LEU A 149 -10.39 31.34 -28.78
CA LEU A 149 -9.31 32.18 -29.30
C LEU A 149 -9.78 33.17 -30.35
N GLN A 150 -9.15 34.35 -30.33
CA GLN A 150 -9.39 35.41 -31.30
C GLN A 150 -8.14 35.54 -32.17
N ASP A 151 -7.02 35.78 -31.51
CA ASP A 151 -5.71 35.83 -32.16
C ASP A 151 -4.64 35.33 -31.19
N ALA A 152 -3.38 35.47 -31.57
CA ALA A 152 -2.25 34.99 -30.78
C ALA A 152 -2.19 35.59 -29.37
N HIS A 153 -2.82 36.75 -29.19
CA HIS A 153 -2.72 37.50 -27.93
C HIS A 153 -4.07 37.82 -27.29
N THR A 154 -5.15 37.36 -27.90
CA THR A 154 -6.49 37.68 -27.41
C THR A 154 -7.38 36.45 -27.23
N VAL A 155 -7.91 36.29 -26.02
CA VAL A 155 -8.84 35.21 -25.70
C VAL A 155 -10.20 35.81 -25.34
N VAL A 156 -11.23 35.41 -26.09
CA VAL A 156 -12.59 35.89 -25.89
C VAL A 156 -13.37 34.91 -25.01
N VAL A 157 -14.01 35.44 -23.96
CA VAL A 157 -14.86 34.63 -23.09
C VAL A 157 -16.32 34.88 -23.43
N ARG A 158 -17.03 33.83 -23.80
CA ARG A 158 -18.43 33.93 -24.25
C ARG A 158 -19.44 33.37 -23.25
N LYS A 159 -20.68 33.82 -23.37
CA LYS A 159 -21.78 33.40 -22.49
C LYS A 159 -22.03 31.88 -22.60
N SER A 160 -22.00 31.38 -23.83
CA SER A 160 -22.31 29.99 -24.13
C SER A 160 -21.27 29.38 -25.07
N GLU A 161 -21.35 28.07 -25.29
CA GLU A 161 -20.45 27.36 -26.20
C GLU A 161 -20.69 27.76 -27.65
N ASP A 162 -21.92 28.21 -27.94
CA ASP A 162 -22.30 28.75 -29.25
C ASP A 162 -21.52 30.04 -29.53
N PRO A 163 -20.70 30.05 -30.60
CA PRO A 163 -19.81 31.18 -30.92
C PRO A 163 -20.53 32.43 -31.44
N HIS A 164 -21.82 32.55 -31.16
CA HIS A 164 -22.59 33.74 -31.52
C HIS A 164 -23.33 34.33 -30.32
N SER A 165 -23.20 33.67 -29.17
CA SER A 165 -23.73 34.17 -27.90
C SER A 165 -22.95 35.40 -27.45
N ASP A 166 -23.47 36.07 -26.42
CA ASP A 166 -22.87 37.29 -25.89
C ASP A 166 -21.40 37.13 -25.48
N VAL A 167 -20.61 38.14 -25.84
CA VAL A 167 -19.21 38.22 -25.46
C VAL A 167 -19.10 38.81 -24.05
N LEU A 168 -18.68 37.99 -23.09
CA LEU A 168 -18.59 38.42 -21.70
C LEU A 168 -17.33 39.25 -21.40
N GLU A 169 -16.17 38.73 -21.79
CA GLU A 169 -14.90 39.39 -21.54
C GLU A 169 -13.95 39.28 -22.74
N THR A 170 -13.06 40.26 -22.87
CA THR A 170 -12.00 40.22 -23.88
C THR A 170 -10.64 40.35 -23.20
N LEU A 171 -9.92 39.24 -23.12
CA LEU A 171 -8.65 39.19 -22.38
C LEU A 171 -7.45 39.37 -23.30
N ASP A 172 -6.61 40.34 -22.97
CA ASP A 172 -5.40 40.64 -23.73
C ASP A 172 -4.19 40.06 -22.99
N THR A 173 -3.46 39.16 -23.65
CA THR A 173 -2.40 38.41 -22.97
C THR A 173 -1.10 38.21 -23.76
N GLU A 174 0.00 38.01 -23.03
CA GLU A 174 1.30 37.70 -23.62
C GLU A 174 1.41 36.23 -24.00
N TYR A 175 0.87 35.36 -23.14
CA TYR A 175 0.90 33.92 -23.37
C TYR A 175 -0.46 33.28 -23.17
N ILE A 176 -0.80 32.34 -24.05
CA ILE A 176 -2.04 31.56 -23.94
C ILE A 176 -1.70 30.12 -23.58
N LEU A 177 -2.48 29.53 -22.67
CA LEU A 177 -2.32 28.13 -22.32
C LEU A 177 -3.66 27.38 -22.44
N ILE A 178 -3.66 26.34 -23.25
CA ILE A 178 -4.86 25.53 -23.47
C ILE A 178 -4.83 24.28 -22.59
N ALA A 179 -5.75 24.22 -21.63
CA ALA A 179 -5.86 23.09 -20.71
C ALA A 179 -7.32 22.68 -20.56
N THR A 180 -8.03 22.60 -21.68
CA THR A 180 -9.45 22.28 -21.70
C THR A 180 -9.75 20.79 -21.56
N GLY A 181 -8.70 19.97 -21.61
CA GLY A 181 -8.82 18.54 -21.37
C GLY A 181 -9.57 17.75 -22.43
N SER A 182 -10.38 16.79 -21.97
CA SER A 182 -11.07 15.87 -22.85
C SER A 182 -12.56 15.75 -22.54
N TRP A 183 -13.26 14.96 -23.37
CA TRP A 183 -14.71 14.79 -23.30
C TRP A 183 -15.06 13.38 -23.76
N PRO A 184 -16.13 12.77 -23.17
CA PRO A 184 -16.54 11.41 -23.55
C PRO A 184 -16.90 11.26 -25.03
N THR A 185 -16.45 10.16 -25.64
CA THR A 185 -16.76 9.84 -27.02
C THR A 185 -17.99 8.94 -27.07
N ARG A 186 -18.80 9.13 -28.10
CA ARG A 186 -20.04 8.36 -28.26
C ARG A 186 -19.99 7.53 -29.54
N LEU A 187 -20.64 6.37 -29.52
CA LEU A 187 -20.70 5.50 -30.70
C LEU A 187 -21.91 5.86 -31.58
N GLY A 188 -21.68 5.89 -32.90
CA GLY A 188 -22.69 6.33 -33.85
C GLY A 188 -23.77 5.30 -34.16
N VAL A 189 -24.52 4.92 -33.12
CA VAL A 189 -25.62 3.97 -33.28
C VAL A 189 -26.97 4.65 -32.96
N PRO A 190 -28.06 4.16 -33.57
CA PRO A 190 -29.39 4.66 -33.24
C PRO A 190 -29.77 4.38 -31.78
N GLY A 191 -30.09 5.44 -31.05
CA GLY A 191 -30.42 5.34 -29.63
C GLY A 191 -29.26 5.72 -28.72
N ASP A 192 -28.23 6.33 -29.31
CA ASP A 192 -27.04 6.80 -28.60
C ASP A 192 -27.41 7.78 -27.48
N GLU A 193 -28.28 8.72 -27.81
CA GLU A 193 -28.70 9.79 -26.89
C GLU A 193 -29.52 9.34 -25.68
N PHE A 194 -29.80 8.03 -25.60
CA PHE A 194 -30.50 7.47 -24.44
C PHE A 194 -29.51 6.88 -23.42
N CYS A 195 -28.24 6.85 -23.80
CA CYS A 195 -27.18 6.33 -22.96
C CYS A 195 -26.54 7.43 -22.12
N ILE A 196 -26.00 7.05 -20.97
CA ILE A 196 -25.25 7.96 -20.10
C ILE A 196 -23.75 7.78 -20.30
N THR A 197 -22.96 8.70 -19.76
CA THR A 197 -21.50 8.55 -19.71
C THR A 197 -21.03 8.57 -18.25
N SER A 198 -19.73 8.72 -18.03
CA SER A 198 -19.21 8.85 -16.68
C SER A 198 -19.72 10.12 -16.02
N ASN A 199 -19.95 11.15 -16.83
CA ASN A 199 -20.52 12.42 -16.38
C ASN A 199 -21.85 12.26 -15.66
N GLU A 200 -22.83 11.68 -16.36
CA GLU A 200 -24.17 11.48 -15.82
C GLU A 200 -24.21 10.42 -14.71
N ALA A 201 -23.26 9.51 -14.73
CA ALA A 201 -23.16 8.44 -13.74
C ALA A 201 -23.03 8.99 -12.32
N PHE A 202 -22.35 10.13 -12.20
CA PHE A 202 -22.14 10.78 -10.91
C PHE A 202 -23.40 11.41 -10.32
N TYR A 203 -24.41 11.63 -11.16
CA TYR A 203 -25.61 12.37 -10.75
C TYR A 203 -26.93 11.65 -10.99
N LEU A 204 -26.88 10.31 -11.05
CA LEU A 204 -28.09 9.50 -11.09
C LEU A 204 -28.70 9.48 -9.70
N GLU A 205 -29.99 9.76 -9.59
CA GLU A 205 -30.64 9.80 -8.28
C GLU A 205 -30.90 8.42 -7.70
N ASP A 206 -31.00 7.42 -8.57
CA ASP A 206 -31.14 6.02 -8.15
C ASP A 206 -30.07 5.13 -8.78
N ALA A 207 -29.58 4.17 -7.99
CA ALA A 207 -28.64 3.18 -8.49
C ALA A 207 -29.39 2.14 -9.33
N PRO A 208 -28.85 1.81 -10.51
CA PRO A 208 -29.52 0.87 -11.40
C PRO A 208 -29.52 -0.56 -10.86
N LYS A 209 -30.65 -1.25 -11.04
CA LYS A 209 -30.76 -2.68 -10.76
C LYS A 209 -30.19 -3.47 -11.93
N ARG A 210 -30.56 -3.06 -13.14
CA ARG A 210 -30.05 -3.67 -14.37
C ARG A 210 -29.08 -2.71 -15.05
N MET A 211 -27.78 -3.01 -14.92
CA MET A 211 -26.73 -2.10 -15.39
C MET A 211 -25.85 -2.69 -16.49
N LEU A 212 -25.71 -1.95 -17.59
CA LEU A 212 -24.76 -2.30 -18.65
C LEU A 212 -23.68 -1.24 -18.81
N CYS A 213 -22.42 -1.66 -18.66
CA CYS A 213 -21.28 -0.82 -18.96
C CYS A 213 -20.71 -1.24 -20.30
N VAL A 214 -20.65 -0.30 -21.25
CA VAL A 214 -20.13 -0.59 -22.58
C VAL A 214 -18.69 -0.12 -22.72
N GLY A 215 -17.79 -1.07 -23.01
CA GLY A 215 -16.37 -0.77 -23.15
C GLY A 215 -15.50 -1.62 -22.23
N GLY A 216 -14.20 -1.62 -22.49
CA GLY A 216 -13.25 -2.40 -21.70
C GLY A 216 -12.05 -1.62 -21.22
N GLY A 217 -12.24 -0.33 -20.95
CA GLY A 217 -11.17 0.54 -20.46
C GLY A 217 -11.33 0.96 -19.01
N TYR A 218 -10.39 1.77 -18.53
CA TYR A 218 -10.38 2.31 -17.16
C TYR A 218 -11.77 2.57 -16.58
N ILE A 219 -12.51 3.49 -17.22
CA ILE A 219 -13.83 3.91 -16.74
C ILE A 219 -14.81 2.74 -16.67
N ALA A 220 -14.87 1.95 -17.74
CA ALA A 220 -15.75 0.80 -17.82
C ALA A 220 -15.55 -0.15 -16.64
N VAL A 221 -14.29 -0.52 -16.41
CA VAL A 221 -13.94 -1.50 -15.38
C VAL A 221 -14.13 -0.96 -13.96
N GLU A 222 -13.81 0.32 -13.77
CA GLU A 222 -13.94 0.96 -12.46
C GLU A 222 -15.40 1.15 -12.06
N PHE A 223 -16.20 1.68 -12.98
CA PHE A 223 -17.62 1.94 -12.72
C PHE A 223 -18.47 0.68 -12.62
N ALA A 224 -18.12 -0.34 -13.40
CA ALA A 224 -18.73 -1.66 -13.23
C ALA A 224 -18.55 -2.11 -11.78
N GLY A 225 -17.39 -1.83 -11.22
CA GLY A 225 -17.11 -2.12 -9.81
C GLY A 225 -17.97 -1.32 -8.86
N ILE A 226 -18.16 -0.04 -9.17
CA ILE A 226 -18.96 0.87 -8.35
C ILE A 226 -20.42 0.43 -8.30
N PHE A 227 -21.04 0.30 -9.47
CA PHE A 227 -22.43 -0.11 -9.58
C PHE A 227 -22.69 -1.48 -8.94
N ASN A 228 -21.75 -2.42 -9.15
CA ASN A 228 -21.80 -3.75 -8.55
C ASN A 228 -21.86 -3.72 -7.02
N GLY A 229 -21.21 -2.72 -6.43
CA GLY A 229 -21.26 -2.53 -4.99
C GLY A 229 -22.57 -1.88 -4.57
N TYR A 230 -23.06 -0.97 -5.40
CA TYR A 230 -24.25 -0.18 -5.07
C TYR A 230 -25.53 -0.60 -5.81
N LYS A 231 -25.56 -1.83 -6.30
CA LYS A 231 -26.76 -2.40 -6.91
C LYS A 231 -27.78 -2.74 -5.82
N PRO A 232 -29.07 -2.52 -6.09
CA PRO A 232 -30.13 -2.96 -5.17
C PRO A 232 -30.35 -4.47 -5.22
N CYS A 233 -31.23 -4.98 -4.37
CA CYS A 233 -31.52 -6.41 -4.29
C CYS A 233 -31.86 -7.04 -5.65
N GLY A 234 -31.29 -8.22 -5.90
CA GLY A 234 -31.51 -8.95 -7.16
C GLY A 234 -30.94 -8.28 -8.39
N GLY A 235 -30.10 -7.25 -8.17
CA GLY A 235 -29.52 -6.48 -9.26
C GLY A 235 -28.28 -7.11 -9.84
N TYR A 236 -27.91 -6.67 -11.04
CA TYR A 236 -26.73 -7.20 -11.72
C TYR A 236 -26.08 -6.16 -12.64
N VAL A 237 -24.76 -6.29 -12.81
CA VAL A 237 -24.00 -5.44 -13.73
C VAL A 237 -23.37 -6.29 -14.82
N ASP A 238 -23.66 -5.94 -16.07
CA ASP A 238 -23.04 -6.60 -17.22
C ASP A 238 -22.04 -5.66 -17.87
N LEU A 239 -20.77 -6.08 -17.89
CA LEU A 239 -19.76 -5.36 -18.64
C LEU A 239 -19.61 -6.04 -19.99
N CYS A 240 -19.75 -5.26 -21.06
CA CYS A 240 -19.56 -5.81 -22.40
C CYS A 240 -18.42 -5.11 -23.14
N TYR A 241 -17.60 -5.90 -23.82
CA TYR A 241 -16.43 -5.38 -24.51
C TYR A 241 -16.37 -5.87 -25.96
N ARG A 242 -15.97 -4.97 -26.84
CA ARG A 242 -15.85 -5.22 -28.28
C ARG A 242 -14.89 -6.35 -28.65
N GLY A 243 -13.81 -6.50 -27.88
CA GLY A 243 -12.74 -7.45 -28.21
C GLY A 243 -12.66 -8.70 -27.35
N ASP A 244 -11.50 -9.37 -27.41
CA ASP A 244 -11.31 -10.68 -26.76
C ASP A 244 -11.02 -10.58 -25.26
N LEU A 245 -10.07 -9.72 -24.89
CA LEU A 245 -9.68 -9.54 -23.49
C LEU A 245 -9.72 -8.05 -23.14
N ILE A 246 -10.35 -7.73 -22.01
CA ILE A 246 -10.49 -6.34 -21.54
C ILE A 246 -9.17 -5.69 -21.17
N LEU A 247 -9.14 -4.36 -21.29
CA LEU A 247 -7.98 -3.51 -20.95
C LEU A 247 -6.74 -3.79 -21.79
N ARG A 248 -6.81 -3.47 -23.08
CA ARG A 248 -5.66 -3.60 -23.98
C ARG A 248 -4.50 -2.72 -23.51
N GLY A 249 -3.28 -3.19 -23.73
CA GLY A 249 -2.09 -2.44 -23.35
C GLY A 249 -1.61 -2.72 -21.95
N PHE A 250 -2.38 -3.50 -21.20
CA PHE A 250 -1.98 -3.94 -19.86
C PHE A 250 -1.42 -5.35 -19.90
N ASP A 251 -0.73 -5.75 -18.84
CA ASP A 251 -0.19 -7.10 -18.71
C ASP A 251 -1.30 -8.14 -18.89
N THR A 252 -1.13 -9.01 -19.88
CA THR A 252 -2.17 -9.97 -20.28
C THR A 252 -2.57 -10.95 -19.16
N GLU A 253 -1.61 -11.33 -18.33
CA GLU A 253 -1.89 -12.23 -17.20
C GLU A 253 -2.62 -11.53 -16.06
N VAL A 254 -2.42 -10.21 -15.97
CA VAL A 254 -3.15 -9.37 -15.01
C VAL A 254 -4.60 -9.17 -15.46
N ARG A 255 -4.80 -8.90 -16.74
CA ARG A 255 -6.13 -8.72 -17.33
C ARG A 255 -6.99 -9.97 -17.20
N LYS A 256 -6.40 -11.13 -17.49
CA LYS A 256 -7.09 -12.42 -17.37
C LYS A 256 -7.52 -12.68 -15.94
N SER A 257 -6.61 -12.44 -14.99
CA SER A 257 -6.89 -12.64 -13.57
C SER A 257 -7.89 -11.61 -13.02
N LEU A 258 -7.94 -10.43 -13.64
CA LEU A 258 -8.94 -9.41 -13.29
C LEU A 258 -10.31 -9.84 -13.79
N THR A 259 -10.37 -10.31 -15.04
CA THR A 259 -11.61 -10.80 -15.64
C THR A 259 -12.22 -11.90 -14.79
N LYS A 260 -11.36 -12.79 -14.29
CA LYS A 260 -11.78 -13.91 -13.45
C LYS A 260 -12.33 -13.41 -12.11
N GLN A 261 -11.71 -12.36 -11.57
CA GLN A 261 -12.06 -11.85 -10.25
C GLN A 261 -13.26 -10.90 -10.25
N LEU A 262 -13.44 -10.17 -11.34
CA LEU A 262 -14.65 -9.37 -11.55
C LEU A 262 -15.85 -10.29 -11.69
N GLY A 263 -15.63 -11.42 -12.37
CA GLY A 263 -16.62 -12.47 -12.50
C GLY A 263 -17.03 -12.97 -11.14
N ALA A 264 -16.06 -13.47 -10.38
CA ALA A 264 -16.27 -14.04 -9.05
C ALA A 264 -16.99 -13.09 -8.09
N ASN A 265 -16.79 -11.79 -8.29
CA ASN A 265 -17.38 -10.76 -7.42
C ASN A 265 -18.82 -10.40 -7.81
N GLY A 266 -19.22 -10.79 -9.03
CA GLY A 266 -20.61 -10.61 -9.46
C GLY A 266 -20.79 -10.02 -10.84
N ILE A 267 -19.77 -9.31 -11.32
CA ILE A 267 -19.84 -8.63 -12.61
C ILE A 267 -19.71 -9.63 -13.77
N ARG A 268 -20.73 -9.65 -14.62
CA ARG A 268 -20.78 -10.57 -15.75
C ARG A 268 -20.03 -9.99 -16.95
N VAL A 269 -18.77 -10.41 -17.13
CA VAL A 269 -17.93 -9.91 -18.20
C VAL A 269 -18.31 -10.59 -19.51
N ARG A 270 -18.70 -9.78 -20.50
CA ARG A 270 -19.11 -10.29 -21.80
C ARG A 270 -18.23 -9.72 -22.90
N THR A 271 -17.39 -10.59 -23.46
CA THR A 271 -16.42 -10.19 -24.48
C THR A 271 -16.97 -10.40 -25.91
N ASN A 272 -16.28 -9.83 -26.88
CA ASN A 272 -16.66 -9.87 -28.30
C ASN A 272 -18.12 -9.48 -28.57
N LEU A 273 -18.61 -8.53 -27.78
CA LEU A 273 -20.00 -8.09 -27.86
C LEU A 273 -20.09 -6.56 -27.86
N ASN A 274 -20.99 -6.04 -28.69
CA ASN A 274 -21.14 -4.60 -28.88
C ASN A 274 -22.56 -4.24 -29.27
N PRO A 275 -23.15 -3.21 -28.62
CA PRO A 275 -24.51 -2.77 -28.96
C PRO A 275 -24.60 -2.18 -30.37
N THR A 276 -25.76 -2.38 -31.00
CA THR A 276 -25.98 -1.89 -32.37
C THR A 276 -27.16 -0.92 -32.48
N LYS A 277 -28.16 -1.10 -31.62
CA LYS A 277 -29.34 -0.24 -31.62
C LYS A 277 -29.97 -0.23 -30.23
N ILE A 278 -30.33 0.96 -29.76
CA ILE A 278 -30.94 1.11 -28.43
C ILE A 278 -32.26 1.87 -28.55
N THR A 279 -33.29 1.36 -27.89
CA THR A 279 -34.61 1.99 -27.89
C THR A 279 -35.11 2.21 -26.46
N LYS A 280 -35.83 3.31 -26.27
CA LYS A 280 -36.37 3.67 -24.97
C LYS A 280 -37.80 3.17 -24.79
N ASN A 281 -38.02 2.41 -23.72
CA ASN A 281 -39.33 1.84 -23.41
C ASN A 281 -40.22 2.82 -22.65
N GLU A 282 -41.51 2.48 -22.56
CA GLU A 282 -42.50 3.32 -21.89
C GLU A 282 -42.35 3.36 -20.36
N ASP A 283 -41.75 2.32 -19.79
CA ASP A 283 -41.56 2.24 -18.33
C ASP A 283 -40.31 3.01 -17.85
N GLY A 284 -39.48 3.43 -18.80
CA GLY A 284 -38.28 4.20 -18.49
C GLY A 284 -36.98 3.48 -18.82
N SER A 285 -37.00 2.16 -18.70
CA SER A 285 -35.83 1.30 -18.96
C SER A 285 -35.44 1.26 -20.44
N ASN A 286 -34.21 0.83 -20.71
CA ASN A 286 -33.67 0.82 -22.08
C ASN A 286 -33.59 -0.57 -22.68
N HIS A 287 -34.05 -0.69 -23.92
CA HIS A 287 -34.01 -1.94 -24.68
C HIS A 287 -32.76 -1.90 -25.58
N VAL A 288 -31.90 -2.91 -25.43
CA VAL A 288 -30.61 -2.93 -26.13
C VAL A 288 -30.48 -4.11 -27.09
N HIS A 289 -30.13 -3.81 -28.34
CA HIS A 289 -29.82 -4.82 -29.34
C HIS A 289 -28.30 -5.02 -29.39
N PHE A 290 -27.87 -6.28 -29.31
CA PHE A 290 -26.45 -6.61 -29.22
C PHE A 290 -25.83 -7.09 -30.54
N ASN A 291 -24.55 -7.46 -30.47
CA ASN A 291 -23.77 -7.92 -31.61
C ASN A 291 -24.22 -9.28 -32.10
N ASP A 292 -24.50 -10.18 -31.16
CA ASP A 292 -24.97 -11.53 -31.46
C ASP A 292 -26.46 -11.57 -31.80
N GLY A 293 -27.06 -10.40 -31.98
CA GLY A 293 -28.48 -10.29 -32.34
C GLY A 293 -29.44 -10.62 -31.20
N THR A 294 -28.96 -10.54 -29.96
CA THR A 294 -29.82 -10.75 -28.79
C THR A 294 -30.42 -9.43 -28.30
N GLU A 295 -31.51 -9.52 -27.54
CA GLU A 295 -32.18 -8.35 -26.99
C GLU A 295 -32.24 -8.44 -25.47
N GLU A 296 -31.97 -7.32 -24.80
CA GLU A 296 -32.00 -7.27 -23.34
C GLU A 296 -32.38 -5.89 -22.81
N ASP A 297 -32.93 -5.87 -21.59
CA ASP A 297 -33.35 -4.62 -20.94
C ASP A 297 -32.41 -4.23 -19.81
N TYR A 298 -31.95 -2.98 -19.84
CA TYR A 298 -31.12 -2.40 -18.79
C TYR A 298 -31.72 -1.08 -18.29
N ASP A 299 -31.64 -0.86 -16.99
CA ASP A 299 -32.12 0.39 -16.36
C ASP A 299 -31.28 1.58 -16.79
N GLN A 300 -29.99 1.35 -17.03
CA GLN A 300 -29.06 2.39 -17.45
C GLN A 300 -27.92 1.77 -18.27
N VAL A 301 -27.48 2.49 -19.29
CA VAL A 301 -26.40 1.99 -20.15
C VAL A 301 -25.29 3.05 -20.34
N MET A 302 -24.15 2.80 -19.69
CA MET A 302 -23.02 3.75 -19.68
C MET A 302 -22.02 3.45 -20.79
N LEU A 303 -21.61 4.50 -21.49
CA LEU A 303 -20.63 4.36 -22.58
C LEU A 303 -19.24 4.80 -22.13
N ALA A 304 -18.34 3.82 -22.00
CA ALA A 304 -16.94 4.08 -21.71
C ALA A 304 -16.10 3.82 -22.96
N ILE A 305 -16.40 4.59 -24.01
CA ILE A 305 -15.78 4.42 -25.32
C ILE A 305 -14.38 5.06 -25.35
N GLY A 306 -14.14 5.99 -24.44
CA GLY A 306 -12.86 6.72 -24.40
C GLY A 306 -13.08 8.22 -24.43
N ARG A 307 -11.99 8.98 -24.44
CA ARG A 307 -12.07 10.44 -24.36
C ARG A 307 -11.28 11.17 -25.45
N VAL A 308 -12.01 11.97 -26.22
CA VAL A 308 -11.42 12.84 -27.24
C VAL A 308 -11.10 14.22 -26.67
N PRO A 309 -9.94 14.80 -27.06
CA PRO A 309 -9.57 16.14 -26.60
C PRO A 309 -10.63 17.19 -26.92
N ARG A 310 -10.86 18.11 -25.98
CA ARG A 310 -11.89 19.13 -26.10
C ARG A 310 -11.32 20.40 -26.76
N SER A 311 -11.47 20.50 -28.07
CA SER A 311 -10.86 21.59 -28.83
C SER A 311 -11.69 22.08 -30.01
N GLN A 312 -12.84 21.45 -30.24
CA GLN A 312 -13.71 21.79 -31.37
C GLN A 312 -14.29 23.20 -31.32
N ALA A 313 -14.48 23.73 -30.12
CA ALA A 313 -15.11 25.04 -29.92
C ALA A 313 -14.11 26.18 -29.68
N LEU A 314 -12.82 25.85 -29.59
CA LEU A 314 -11.79 26.83 -29.24
C LEU A 314 -11.31 27.68 -30.42
N GLN A 315 -11.63 27.25 -31.64
CA GLN A 315 -11.23 27.95 -32.88
C GLN A 315 -9.72 28.14 -32.97
N LEU A 316 -8.98 27.04 -32.96
CA LEU A 316 -7.51 27.07 -33.03
C LEU A 316 -7.00 27.52 -34.40
N ASP A 317 -7.86 27.37 -35.40
CA ASP A 317 -7.56 27.79 -36.78
C ASP A 317 -7.36 29.31 -36.87
N LYS A 318 -8.18 30.06 -36.13
CA LYS A 318 -8.12 31.53 -36.11
C LYS A 318 -6.78 32.08 -35.63
N ALA A 319 -6.08 31.29 -34.82
CA ALA A 319 -4.78 31.68 -34.27
C ALA A 319 -3.60 30.98 -34.96
N GLY A 320 -3.92 29.97 -35.76
CA GLY A 320 -2.90 29.19 -36.46
C GLY A 320 -2.23 28.16 -35.56
N VAL A 321 -3.06 27.41 -34.83
CA VAL A 321 -2.60 26.33 -33.96
C VAL A 321 -3.04 25.00 -34.57
N ARG A 322 -2.07 24.11 -34.79
CA ARG A 322 -2.32 22.85 -35.50
C ARG A 322 -3.07 21.81 -34.68
N THR A 323 -4.23 21.41 -35.20
CA THR A 323 -5.02 20.33 -34.63
C THR A 323 -4.68 19.02 -35.33
N GLY A 324 -4.24 18.02 -34.57
CA GLY A 324 -3.96 16.69 -35.10
C GLY A 324 -5.22 15.87 -35.25
N LYS A 325 -5.08 14.55 -35.15
CA LYS A 325 -6.22 13.64 -35.22
C LYS A 325 -6.99 13.63 -33.89
N ASN A 326 -8.32 13.56 -33.98
CA ASN A 326 -9.24 13.66 -32.83
C ASN A 326 -9.35 15.07 -32.23
N GLY A 327 -8.63 16.03 -32.81
CA GLY A 327 -8.64 17.41 -32.34
C GLY A 327 -7.52 17.72 -31.34
N ALA A 328 -6.64 16.76 -31.14
CA ALA A 328 -5.51 16.91 -30.21
C ALA A 328 -4.58 18.03 -30.64
N VAL A 329 -4.13 18.82 -29.68
CA VAL A 329 -3.25 19.96 -29.96
C VAL A 329 -1.81 19.48 -30.11
N GLN A 330 -1.25 19.70 -31.30
CA GLN A 330 0.11 19.27 -31.60
C GLN A 330 1.13 20.16 -30.91
N VAL A 331 1.98 19.52 -30.12
CA VAL A 331 2.99 20.23 -29.34
C VAL A 331 4.35 19.53 -29.41
N ASP A 332 5.41 20.29 -29.15
CA ASP A 332 6.73 19.71 -29.00
C ASP A 332 6.90 19.17 -27.58
N ALA A 333 8.14 18.84 -27.21
CA ALA A 333 8.43 18.29 -25.89
C ALA A 333 8.16 19.28 -24.75
N TYR A 334 8.20 20.57 -25.07
CA TYR A 334 8.02 21.64 -24.08
C TYR A 334 6.59 22.22 -24.10
N SER A 335 5.67 21.49 -24.73
CA SER A 335 4.24 21.84 -24.78
C SER A 335 3.91 23.06 -25.66
N LYS A 336 4.88 23.50 -26.45
CA LYS A 336 4.73 24.69 -27.32
C LYS A 336 4.04 24.33 -28.64
N THR A 337 2.98 25.06 -28.96
CA THR A 337 2.19 24.80 -30.17
C THR A 337 2.83 25.41 -31.41
N SER A 338 2.05 25.50 -32.49
CA SER A 338 2.49 26.11 -33.76
C SER A 338 2.97 27.54 -33.55
N VAL A 339 2.24 28.30 -32.73
CA VAL A 339 2.59 29.68 -32.40
C VAL A 339 3.44 29.69 -31.14
N ASP A 340 4.51 30.49 -31.15
CA ASP A 340 5.54 30.49 -30.09
C ASP A 340 5.05 30.92 -28.70
N ASN A 341 3.89 31.56 -28.63
CA ASN A 341 3.37 32.07 -27.36
C ASN A 341 2.13 31.33 -26.85
N ILE A 342 1.60 30.42 -27.66
CA ILE A 342 0.46 29.58 -27.26
C ILE A 342 0.93 28.18 -26.89
N TYR A 343 0.41 27.66 -25.78
CA TYR A 343 0.82 26.35 -25.26
C TYR A 343 -0.40 25.47 -24.95
N ALA A 344 -0.15 24.18 -24.72
CA ALA A 344 -1.21 23.22 -24.39
C ALA A 344 -0.69 22.08 -23.53
N ILE A 345 -1.49 21.70 -22.52
CA ILE A 345 -1.14 20.64 -21.57
C ILE A 345 -2.33 19.75 -21.20
N GLY A 346 -2.04 18.56 -20.70
CA GLY A 346 -3.07 17.61 -20.24
C GLY A 346 -3.71 16.77 -21.32
N ASP A 347 -4.97 16.40 -21.10
CA ASP A 347 -5.73 15.56 -22.03
C ASP A 347 -5.88 16.16 -23.42
N VAL A 348 -5.84 17.48 -23.51
CA VAL A 348 -6.05 18.18 -24.77
C VAL A 348 -4.91 17.92 -25.78
N THR A 349 -3.78 17.43 -25.27
CA THR A 349 -2.63 17.09 -26.12
C THR A 349 -2.60 15.61 -26.51
N ASN A 350 -3.41 14.80 -25.80
CA ASN A 350 -3.53 13.36 -26.05
C ASN A 350 -2.19 12.61 -25.96
N ARG A 351 -1.42 12.92 -24.93
CA ARG A 351 -0.16 12.23 -24.68
C ARG A 351 -0.37 11.10 -23.67
N VAL A 352 -0.31 11.43 -22.39
CA VAL A 352 -0.66 10.48 -21.32
C VAL A 352 -1.76 11.10 -20.47
N MET A 353 -2.99 10.61 -20.66
CA MET A 353 -4.17 11.21 -20.02
C MET A 353 -4.32 10.85 -18.54
N LEU A 354 -3.51 11.50 -17.71
CA LEU A 354 -3.60 11.36 -16.26
C LEU A 354 -3.51 12.74 -15.61
N THR A 355 -4.00 12.84 -14.38
CA THR A 355 -3.96 14.09 -13.62
C THR A 355 -2.53 14.52 -13.24
N PRO A 356 -1.72 13.61 -12.65
CA PRO A 356 -0.38 14.02 -12.23
C PRO A 356 0.57 14.30 -13.40
N VAL A 357 0.23 13.76 -14.57
CA VAL A 357 0.96 14.06 -15.80
C VAL A 357 0.70 15.50 -16.23
N ALA A 358 -0.58 15.89 -16.25
CA ALA A 358 -1.00 17.25 -16.57
C ALA A 358 -0.42 18.28 -15.61
N ILE A 359 -0.35 17.91 -14.33
CA ILE A 359 0.26 18.76 -13.31
C ILE A 359 1.75 18.98 -13.59
N ASN A 360 2.47 17.91 -13.88
CA ASN A 360 3.88 18.01 -14.25
C ASN A 360 4.07 18.84 -15.51
N GLU A 361 3.23 18.60 -16.51
CA GLU A 361 3.23 19.37 -17.77
C GLU A 361 3.00 20.85 -17.51
N GLY A 362 2.14 21.17 -16.54
CA GLY A 362 1.86 22.54 -16.14
C GLY A 362 3.00 23.20 -15.38
N ALA A 363 3.52 22.50 -14.38
CA ALA A 363 4.64 22.98 -13.59
C ALA A 363 5.90 23.23 -14.43
N ALA A 364 6.07 22.42 -15.48
CA ALA A 364 7.18 22.56 -16.42
C ALA A 364 7.00 23.77 -17.33
N PHE A 365 5.77 23.99 -17.78
CA PHE A 365 5.41 25.14 -18.62
C PHE A 365 5.78 26.46 -17.94
N VAL A 366 5.47 26.58 -16.65
CA VAL A 366 5.84 27.74 -15.85
C VAL A 366 7.36 27.87 -15.74
N GLU A 367 8.03 26.77 -15.38
CA GLU A 367 9.48 26.72 -15.27
C GLU A 367 10.19 27.15 -16.57
N THR A 368 9.54 26.90 -17.71
CA THR A 368 10.10 27.24 -19.00
C THR A 368 9.94 28.72 -19.33
N VAL A 369 8.70 29.16 -19.55
CA VAL A 369 8.43 30.51 -20.07
C VAL A 369 8.47 31.64 -19.03
N PHE A 370 8.33 31.30 -17.75
CA PHE A 370 8.34 32.30 -16.68
C PHE A 370 9.48 32.08 -15.68
N GLY A 371 10.07 30.89 -15.69
CA GLY A 371 11.15 30.54 -14.76
C GLY A 371 12.54 30.71 -15.34
N GLY A 372 12.63 30.65 -16.67
CA GLY A 372 13.91 30.79 -17.37
C GLY A 372 14.74 29.51 -17.44
N LYS A 373 14.19 28.42 -16.91
CA LYS A 373 14.87 27.13 -16.90
C LYS A 373 13.96 26.06 -17.52
N PRO A 374 14.02 25.89 -18.86
CA PRO A 374 13.14 24.99 -19.59
C PRO A 374 13.27 23.53 -19.17
N ARG A 375 12.14 22.83 -19.14
CA ARG A 375 12.07 21.42 -18.76
C ARG A 375 10.90 20.74 -19.46
N ALA A 376 11.11 19.50 -19.89
CA ALA A 376 10.07 18.70 -20.53
C ALA A 376 9.63 17.58 -19.58
N THR A 377 8.35 17.21 -19.68
CA THR A 377 7.79 16.13 -18.88
C THR A 377 8.30 14.77 -19.37
N ASP A 378 8.76 13.95 -18.43
CA ASP A 378 9.22 12.60 -18.73
C ASP A 378 8.01 11.64 -18.82
N HIS A 379 7.49 11.50 -20.03
CA HIS A 379 6.29 10.70 -20.29
C HIS A 379 6.50 9.18 -20.16
N THR A 380 7.76 8.76 -20.14
CA THR A 380 8.12 7.35 -20.04
C THR A 380 8.29 6.92 -18.58
N LYS A 381 8.06 5.64 -18.32
CA LYS A 381 8.19 5.03 -16.98
C LYS A 381 7.31 5.70 -15.91
N VAL A 382 6.09 6.05 -16.31
CA VAL A 382 5.12 6.71 -15.43
C VAL A 382 4.23 5.64 -14.78
N ALA A 383 4.22 5.62 -13.45
CA ALA A 383 3.39 4.68 -12.71
C ALA A 383 1.94 5.17 -12.66
N CYS A 384 1.02 4.32 -13.11
CA CYS A 384 -0.41 4.61 -12.99
C CYS A 384 -1.17 3.44 -12.36
N ALA A 385 -2.47 3.62 -12.19
CA ALA A 385 -3.31 2.60 -11.55
C ALA A 385 -4.71 2.50 -12.16
N VAL A 386 -5.32 1.34 -12.00
CA VAL A 386 -6.73 1.14 -12.34
C VAL A 386 -7.47 0.81 -11.07
N PHE A 387 -8.43 1.66 -10.70
CA PHE A 387 -9.15 1.51 -9.44
C PHE A 387 -10.38 0.59 -9.55
N SER A 388 -10.13 -0.60 -10.08
CA SER A 388 -11.10 -1.68 -10.09
C SER A 388 -11.09 -2.36 -8.72
N ILE A 389 -11.96 -3.35 -8.53
CA ILE A 389 -11.95 -4.15 -7.32
C ILE A 389 -11.74 -5.62 -7.68
N PRO A 390 -10.52 -6.16 -7.49
CA PRO A 390 -9.32 -5.54 -6.93
C PRO A 390 -8.60 -4.60 -7.92
N PRO A 391 -7.76 -3.67 -7.40
CA PRO A 391 -7.12 -2.67 -8.25
C PRO A 391 -5.82 -3.14 -8.91
N ILE A 392 -5.47 -2.49 -10.03
CA ILE A 392 -4.22 -2.72 -10.74
C ILE A 392 -3.21 -1.61 -10.44
N GLY A 393 -1.94 -1.99 -10.31
CA GLY A 393 -0.85 -1.04 -10.13
C GLY A 393 0.28 -1.36 -11.10
N THR A 394 0.45 -0.52 -12.12
CA THR A 394 1.40 -0.78 -13.20
C THR A 394 2.40 0.36 -13.42
N CYS A 395 3.59 -0.01 -13.89
CA CYS A 395 4.63 0.96 -14.25
C CYS A 395 5.61 0.34 -15.25
N GLY A 396 5.59 0.85 -16.47
CA GLY A 396 6.56 0.42 -17.48
C GLY A 396 5.98 -0.44 -18.58
N MET A 397 6.85 -1.23 -19.21
CA MET A 397 6.50 -2.00 -20.39
C MET A 397 5.81 -3.33 -20.08
N THR A 398 4.90 -3.72 -20.96
CA THR A 398 4.35 -5.07 -20.98
C THR A 398 5.35 -5.99 -21.65
N GLU A 399 5.26 -7.28 -21.35
CA GLU A 399 6.17 -8.28 -21.93
C GLU A 399 6.07 -8.36 -23.46
N GLU A 400 4.87 -8.11 -23.99
CA GLU A 400 4.66 -8.08 -25.45
C GLU A 400 5.48 -6.98 -26.11
N GLU A 401 5.43 -5.77 -25.53
CA GLU A 401 6.12 -4.61 -26.07
C GLU A 401 7.64 -4.71 -25.90
N ALA A 402 8.07 -5.15 -24.72
CA ALA A 402 9.48 -5.31 -24.40
C ALA A 402 10.15 -6.40 -25.25
N ALA A 403 9.34 -7.35 -25.73
CA ALA A 403 9.81 -8.38 -26.64
C ALA A 403 10.00 -7.83 -28.05
N LYS A 404 9.18 -6.84 -28.41
CA LYS A 404 9.19 -6.26 -29.75
C LYS A 404 10.41 -5.38 -30.04
N ASN A 405 11.02 -4.83 -28.98
CA ASN A 405 12.20 -3.97 -29.16
C ASN A 405 13.34 -4.14 -28.15
N TYR A 406 13.53 -5.38 -27.67
CA TYR A 406 14.70 -5.74 -26.88
C TYR A 406 15.24 -7.11 -27.31
N GLU A 407 16.54 -7.33 -27.05
CA GLU A 407 17.23 -8.55 -27.45
C GLU A 407 16.68 -9.76 -26.72
N THR A 408 16.93 -9.82 -25.41
CA THR A 408 16.40 -10.88 -24.56
C THR A 408 15.74 -10.28 -23.31
N VAL A 409 14.51 -10.71 -23.04
CA VAL A 409 13.78 -10.27 -21.85
C VAL A 409 13.41 -11.44 -20.93
N ALA A 410 13.54 -11.21 -19.63
CA ALA A 410 13.16 -12.20 -18.62
C ALA A 410 11.83 -11.82 -17.97
N VAL A 411 10.92 -12.79 -17.88
CA VAL A 411 9.61 -12.56 -17.29
C VAL A 411 9.52 -13.26 -15.93
N TYR A 412 9.53 -12.46 -14.87
CA TYR A 412 9.36 -12.94 -13.51
C TYR A 412 7.88 -12.89 -13.13
N ALA A 413 7.41 -13.90 -12.41
CA ALA A 413 5.99 -13.98 -12.05
C ALA A 413 5.77 -14.59 -10.67
N SER A 414 4.71 -14.13 -10.01
CA SER A 414 4.33 -14.64 -8.71
C SER A 414 2.84 -14.39 -8.46
N SER A 415 2.14 -15.45 -8.04
CA SER A 415 0.73 -15.35 -7.69
C SER A 415 0.51 -15.97 -6.32
N PHE A 416 -0.34 -15.34 -5.52
CA PHE A 416 -0.63 -15.81 -4.16
C PHE A 416 -1.92 -15.25 -3.57
N THR A 417 -2.63 -16.11 -2.84
CA THR A 417 -3.83 -15.71 -2.12
C THR A 417 -3.44 -15.39 -0.67
N PRO A 418 -3.50 -14.10 -0.28
CA PRO A 418 -3.05 -13.64 1.05
C PRO A 418 -3.66 -14.46 2.19
N LEU A 419 -2.89 -14.66 3.24
CA LEU A 419 -3.29 -15.53 4.36
C LEU A 419 -4.65 -15.17 4.98
N MET A 420 -4.95 -13.88 5.03
CA MET A 420 -6.20 -13.40 5.62
C MET A 420 -7.45 -13.85 4.86
N HIS A 421 -7.30 -14.15 3.57
CA HIS A 421 -8.44 -14.57 2.74
C HIS A 421 -8.82 -16.04 2.94
N ASN A 422 -7.99 -16.78 3.68
CA ASN A 422 -8.36 -18.12 4.14
C ASN A 422 -9.37 -18.05 5.28
N ILE A 423 -9.39 -16.92 5.98
CA ILE A 423 -10.34 -16.67 7.06
C ILE A 423 -11.53 -15.86 6.55
N SER A 424 -11.28 -14.90 5.67
CA SER A 424 -12.31 -13.98 5.19
C SER A 424 -13.34 -14.65 4.27
N GLY A 425 -12.89 -15.65 3.52
CA GLY A 425 -13.78 -16.39 2.62
C GLY A 425 -13.62 -16.01 1.17
N SER A 426 -12.96 -14.88 0.91
CA SER A 426 -12.69 -14.45 -0.46
C SER A 426 -11.40 -15.08 -0.98
N LYS A 427 -11.45 -16.39 -1.21
CA LYS A 427 -10.29 -17.15 -1.71
C LYS A 427 -10.02 -16.95 -3.20
N HIS A 428 -10.85 -16.13 -3.85
CA HIS A 428 -10.67 -15.76 -5.25
C HIS A 428 -9.72 -14.57 -5.40
N LYS A 429 -9.50 -13.85 -4.31
CA LYS A 429 -8.67 -12.64 -4.31
C LYS A 429 -7.18 -12.97 -4.35
N GLU A 430 -6.70 -13.20 -5.56
CA GLU A 430 -5.32 -13.57 -5.80
C GLU A 430 -4.49 -12.32 -6.06
N PHE A 431 -3.39 -12.17 -5.33
CA PHE A 431 -2.44 -11.09 -5.60
C PHE A 431 -1.40 -11.54 -6.62
N MET A 432 -1.14 -10.68 -7.60
CA MET A 432 -0.24 -11.02 -8.69
C MET A 432 0.83 -9.95 -8.87
N ILE A 433 2.07 -10.39 -9.04
CA ILE A 433 3.16 -9.49 -9.42
C ILE A 433 3.92 -10.10 -10.59
N ARG A 434 4.15 -9.29 -11.62
CA ARG A 434 4.94 -9.72 -12.76
C ARG A 434 5.94 -8.62 -13.13
N ILE A 435 7.22 -8.97 -13.07
CA ILE A 435 8.29 -8.05 -13.43
C ILE A 435 8.89 -8.45 -14.79
N ILE A 436 9.10 -7.45 -15.64
CA ILE A 436 9.67 -7.66 -16.97
C ILE A 436 11.00 -6.93 -17.08
N THR A 437 12.08 -7.69 -17.31
CA THR A 437 13.43 -7.13 -17.30
C THR A 437 14.17 -7.32 -18.63
N ASN A 438 15.08 -6.38 -18.90
CA ASN A 438 16.07 -6.53 -19.96
C ASN A 438 17.16 -7.48 -19.45
N GLU A 439 17.16 -8.70 -20.00
CA GLU A 439 18.02 -9.79 -19.52
C GLU A 439 19.50 -9.47 -19.63
N SER A 440 19.86 -8.65 -20.62
CA SER A 440 21.23 -8.23 -20.87
C SER A 440 21.90 -7.63 -19.63
N ASN A 441 21.34 -6.54 -19.11
CA ASN A 441 21.90 -5.84 -17.95
C ASN A 441 21.15 -6.11 -16.63
N GLY A 442 19.89 -6.53 -16.74
CA GLY A 442 19.04 -6.80 -15.56
C GLY A 442 18.07 -5.68 -15.25
N GLU A 443 17.97 -4.71 -16.15
CA GLU A 443 17.14 -3.53 -15.96
C GLU A 443 15.66 -3.85 -15.98
N VAL A 444 14.95 -3.43 -14.94
CA VAL A 444 13.50 -3.58 -14.84
C VAL A 444 12.79 -2.63 -15.81
N LEU A 445 12.07 -3.21 -16.76
CA LEU A 445 11.36 -2.43 -17.80
C LEU A 445 9.88 -2.26 -17.48
N GLY A 446 9.33 -3.17 -16.67
CA GLY A 446 7.92 -3.12 -16.28
C GLY A 446 7.59 -3.90 -15.01
N VAL A 447 6.76 -3.30 -14.16
CA VAL A 447 6.24 -3.98 -12.96
C VAL A 447 4.72 -3.91 -12.99
N HIS A 448 4.07 -5.07 -12.88
CA HIS A 448 2.62 -5.16 -13.00
C HIS A 448 2.01 -5.89 -11.82
N MET A 449 1.09 -5.22 -11.12
CA MET A 449 0.51 -5.76 -9.91
C MET A 449 -1.01 -5.72 -9.92
N LEU A 450 -1.62 -6.77 -9.39
CA LEU A 450 -3.07 -6.87 -9.26
C LEU A 450 -3.43 -7.31 -7.86
N GLY A 451 -4.25 -6.52 -7.17
CA GLY A 451 -4.67 -6.81 -5.80
C GLY A 451 -4.72 -5.58 -4.93
N ASP A 452 -5.17 -5.77 -3.69
CA ASP A 452 -5.33 -4.66 -2.75
C ASP A 452 -3.99 -4.06 -2.34
N SER A 453 -3.97 -2.73 -2.27
CA SER A 453 -2.77 -1.93 -1.98
C SER A 453 -1.82 -1.76 -3.17
N ALA A 454 -2.19 -2.33 -4.32
CA ALA A 454 -1.36 -2.26 -5.53
C ALA A 454 -1.08 -0.83 -6.04
N PRO A 455 -2.09 0.06 -6.05
CA PRO A 455 -1.82 1.44 -6.45
C PRO A 455 -0.92 2.18 -5.45
N GLU A 456 -0.89 1.70 -4.20
CA GLU A 456 -0.08 2.32 -3.18
C GLU A 456 1.37 1.87 -3.27
N ILE A 457 1.59 0.60 -3.63
CA ILE A 457 2.94 0.03 -3.76
C ILE A 457 3.63 0.57 -5.03
N ILE A 458 2.89 0.59 -6.14
CA ILE A 458 3.43 0.98 -7.45
C ILE A 458 4.05 2.39 -7.49
N GLN A 459 3.64 3.24 -6.55
CA GLN A 459 4.18 4.60 -6.47
C GLN A 459 5.69 4.60 -6.22
N SER A 460 6.11 3.95 -5.13
CA SER A 460 7.52 3.87 -4.76
C SER A 460 8.30 2.87 -5.62
N VAL A 461 7.58 2.09 -6.41
CA VAL A 461 8.20 1.25 -7.44
C VAL A 461 8.65 2.18 -8.56
N GLY A 462 7.81 3.15 -8.91
CA GLY A 462 8.09 4.12 -9.96
C GLY A 462 9.26 5.04 -9.65
N ILE A 463 9.62 5.15 -8.37
CA ILE A 463 10.80 5.90 -7.95
C ILE A 463 12.04 5.09 -8.28
N CYS A 464 11.98 3.78 -8.03
CA CYS A 464 13.05 2.85 -8.37
C CYS A 464 13.32 2.81 -9.87
N MET A 465 12.24 2.71 -10.65
CA MET A 465 12.34 2.58 -12.10
C MET A 465 12.83 3.86 -12.79
N LYS A 466 12.46 5.01 -12.25
CA LYS A 466 12.95 6.31 -12.73
C LYS A 466 14.46 6.41 -12.48
N MET A 467 14.90 5.81 -11.37
CA MET A 467 16.32 5.70 -11.04
C MET A 467 17.02 4.63 -11.89
N GLY A 468 16.23 3.86 -12.64
CA GLY A 468 16.75 2.76 -13.44
C GLY A 468 17.14 1.58 -12.57
N ALA A 469 16.13 0.94 -11.98
CA ALA A 469 16.36 -0.17 -11.06
C ALA A 469 16.62 -1.48 -11.79
N LYS A 470 17.54 -2.27 -11.24
CA LYS A 470 17.82 -3.61 -11.74
C LYS A 470 17.13 -4.65 -10.86
N ILE A 471 16.82 -5.80 -11.44
CA ILE A 471 16.15 -6.89 -10.72
C ILE A 471 16.93 -7.33 -9.48
N SER A 472 18.26 -7.18 -9.53
CA SER A 472 19.11 -7.47 -8.37
C SER A 472 18.83 -6.53 -7.20
N ASP A 473 18.50 -5.28 -7.49
CA ASP A 473 18.14 -4.29 -6.47
C ASP A 473 16.88 -4.69 -5.71
N PHE A 474 15.96 -5.35 -6.42
CA PHE A 474 14.71 -5.81 -5.83
C PHE A 474 14.94 -6.94 -4.82
N HIS A 475 15.41 -8.10 -5.30
CA HIS A 475 15.54 -9.28 -4.45
C HIS A 475 16.66 -9.22 -3.40
N SER A 476 17.50 -8.19 -3.47
CA SER A 476 18.54 -7.97 -2.45
C SER A 476 18.00 -7.16 -1.27
N THR A 477 16.84 -6.53 -1.45
CA THR A 477 16.19 -5.76 -0.40
C THR A 477 15.51 -6.70 0.60
N ILE A 478 15.80 -6.50 1.88
CA ILE A 478 15.16 -7.27 2.95
C ILE A 478 13.69 -6.87 3.05
N GLY A 479 12.80 -7.86 2.97
CA GLY A 479 11.36 -7.64 2.93
C GLY A 479 10.70 -7.15 4.20
N VAL A 480 9.45 -6.71 4.07
CA VAL A 480 8.64 -6.27 5.21
C VAL A 480 7.54 -7.31 5.44
N HIS A 481 7.58 -7.97 6.59
CA HIS A 481 6.70 -9.11 6.84
C HIS A 481 5.75 -8.86 8.02
N PRO A 482 4.45 -9.19 7.84
CA PRO A 482 3.82 -9.71 6.62
C PRO A 482 3.14 -8.61 5.78
N THR A 483 3.51 -8.53 4.50
CA THR A 483 2.85 -7.63 3.54
C THR A 483 2.68 -8.32 2.20
N SER A 484 1.92 -7.69 1.30
CA SER A 484 1.77 -8.15 -0.07
C SER A 484 2.96 -7.70 -0.92
N ALA A 485 3.58 -6.59 -0.50
CA ALA A 485 4.68 -5.98 -1.25
C ALA A 485 6.02 -6.67 -1.05
N GLU A 486 6.16 -7.42 0.05
CA GLU A 486 7.40 -8.14 0.35
C GLU A 486 7.75 -9.19 -0.70
N GLU A 487 6.74 -9.58 -1.48
CA GLU A 487 6.92 -10.55 -2.55
C GLU A 487 7.70 -9.96 -3.72
N LEU A 488 7.69 -8.64 -3.81
CA LEU A 488 8.45 -7.89 -4.81
C LEU A 488 9.96 -8.13 -4.68
N CYS A 489 10.40 -8.50 -3.48
CA CYS A 489 11.81 -8.72 -3.18
C CYS A 489 12.16 -10.20 -3.00
N SER A 490 11.34 -11.08 -3.57
CA SER A 490 11.51 -12.52 -3.46
C SER A 490 11.47 -13.23 -4.82
N MET A 491 11.48 -12.42 -5.89
CA MET A 491 11.50 -12.96 -7.25
C MET A 491 12.90 -12.89 -7.83
N ARG A 492 13.51 -14.07 -8.00
CA ARG A 492 14.93 -14.17 -8.38
C ARG A 492 15.13 -14.92 -9.70
N THR A 493 14.44 -16.04 -9.86
CA THR A 493 14.53 -16.85 -11.08
C THR A 493 13.30 -16.65 -11.98
N PRO A 494 13.51 -16.31 -13.26
CA PRO A 494 12.43 -16.05 -14.20
C PRO A 494 11.61 -17.28 -14.54
N ALA A 495 10.33 -17.08 -14.85
CA ALA A 495 9.44 -18.15 -15.24
C ALA A 495 9.74 -18.61 -16.67
N TYR A 496 9.90 -17.64 -17.57
CA TYR A 496 10.25 -17.90 -18.97
C TYR A 496 10.96 -16.68 -19.59
N PHE A 497 11.37 -16.81 -20.84
CA PHE A 497 12.13 -15.77 -21.53
C PHE A 497 11.54 -15.42 -22.91
N TYR A 498 11.86 -14.22 -23.38
CA TYR A 498 11.64 -13.87 -24.78
C TYR A 498 13.01 -13.66 -25.44
N GLU A 499 13.22 -14.34 -26.57
CA GLU A 499 14.48 -14.26 -27.30
C GLU A 499 14.20 -13.81 -28.73
N SER A 500 14.65 -12.59 -29.04
CA SER A 500 14.40 -11.94 -30.34
C SER A 500 12.94 -12.01 -30.79
N GLY A 501 12.03 -11.68 -29.88
CA GLY A 501 10.60 -11.66 -30.16
C GLY A 501 9.86 -12.97 -29.85
N LYS A 502 10.57 -14.08 -29.93
CA LYS A 502 9.98 -15.41 -29.72
C LYS A 502 9.95 -15.83 -28.26
N ARG A 503 8.88 -16.53 -27.88
CA ARG A 503 8.68 -17.00 -26.51
C ARG A 503 9.45 -18.30 -26.29
N VAL A 504 10.42 -18.27 -25.38
CA VAL A 504 11.27 -19.43 -25.10
C VAL A 504 11.18 -19.86 -23.64
N GLU A 505 11.39 -21.15 -23.38
CA GLU A 505 11.31 -21.68 -22.03
C GLU A 505 12.65 -21.57 -21.28
N LYS A 506 13.75 -21.52 -22.04
CA LYS A 506 15.09 -21.35 -21.47
C LYS A 506 16.02 -20.65 -22.45
N LEU A 507 17.21 -20.29 -21.99
CA LEU A 507 18.21 -19.63 -22.85
C LEU A 507 19.14 -20.66 -23.52
N SER A 508 19.26 -20.55 -24.85
CA SER A 508 20.06 -21.49 -25.64
C SER A 508 21.57 -21.30 -25.45
N MET B 21 36.93 -35.35 7.60
CA MET B 21 36.23 -36.41 8.37
C MET B 21 34.81 -36.61 7.83
N SER B 22 34.16 -37.70 8.25
CA SER B 22 32.80 -38.03 7.79
C SER B 22 31.88 -38.35 8.96
N ARG B 23 30.74 -37.65 9.03
CA ARG B 23 29.74 -37.89 10.07
C ARG B 23 28.31 -38.03 9.52
N ALA B 24 27.36 -38.28 10.43
CA ALA B 24 25.97 -38.56 10.10
C ALA B 24 25.26 -37.43 9.34
N TYR B 25 25.42 -36.21 9.83
CA TYR B 25 24.78 -35.03 9.23
C TYR B 25 25.80 -33.96 8.84
N ASP B 26 25.45 -33.15 7.84
CA ASP B 26 26.24 -31.97 7.49
C ASP B 26 25.86 -30.79 8.39
N LEU B 27 24.56 -30.65 8.65
CA LEU B 27 24.04 -29.54 9.45
C LEU B 27 22.99 -30.01 10.45
N VAL B 28 23.13 -29.56 11.70
CA VAL B 28 22.07 -29.68 12.68
C VAL B 28 21.62 -28.28 13.09
N VAL B 29 20.38 -27.96 12.72
CA VAL B 29 19.78 -26.67 13.06
C VAL B 29 18.98 -26.81 14.34
N LEU B 30 19.33 -26.02 15.35
CA LEU B 30 18.53 -25.93 16.57
C LEU B 30 17.51 -24.81 16.40
N GLY B 31 16.26 -25.20 16.18
CA GLY B 31 15.18 -24.25 15.97
C GLY B 31 14.69 -24.26 14.54
N ALA B 32 13.49 -24.78 14.35
CA ALA B 32 12.82 -24.74 13.06
C ALA B 32 12.07 -23.42 12.93
N GLY B 33 12.83 -22.33 12.85
CA GLY B 33 12.27 -20.99 12.77
C GLY B 33 12.38 -20.38 11.41
N SER B 34 12.09 -19.08 11.32
CA SER B 34 12.19 -18.33 10.07
C SER B 34 13.58 -18.47 9.44
N GLY B 35 14.61 -18.30 10.27
CA GLY B 35 15.99 -18.45 9.83
C GLY B 35 16.41 -19.91 9.73
N GLY B 36 16.02 -20.70 10.74
CA GLY B 36 16.37 -22.11 10.80
C GLY B 36 15.90 -22.93 9.60
N LEU B 37 14.62 -22.79 9.27
CA LEU B 37 14.03 -23.53 8.15
C LEU B 37 14.47 -22.98 6.80
N GLU B 38 15.04 -21.78 6.80
CA GLU B 38 15.62 -21.20 5.59
C GLU B 38 16.97 -21.84 5.30
N ALA B 39 17.81 -21.93 6.34
CA ALA B 39 19.11 -22.55 6.21
C ALA B 39 19.00 -24.06 6.01
N GLY B 40 18.04 -24.68 6.68
CA GLY B 40 17.79 -26.11 6.58
C GLY B 40 17.39 -26.53 5.18
N TRP B 41 16.38 -25.86 4.65
CA TRP B 41 15.86 -26.11 3.29
C TRP B 41 16.94 -25.93 2.23
N ASN B 42 17.57 -24.76 2.23
CA ASN B 42 18.55 -24.39 1.20
C ASN B 42 19.76 -25.31 1.13
N ALA B 43 20.26 -25.71 2.30
CA ALA B 43 21.38 -26.64 2.38
C ALA B 43 21.00 -28.00 1.80
N ALA B 44 19.79 -28.44 2.11
CA ALA B 44 19.31 -29.75 1.68
C ALA B 44 18.89 -29.83 0.22
N VAL B 45 18.38 -28.73 -0.33
CA VAL B 45 17.81 -28.74 -1.68
C VAL B 45 18.80 -28.29 -2.76
N THR B 46 19.37 -27.11 -2.60
CA THR B 46 20.28 -26.56 -3.61
C THR B 46 21.72 -27.11 -3.50
N HIS B 47 22.08 -27.62 -2.32
CA HIS B 47 23.41 -28.19 -2.12
C HIS B 47 23.39 -29.67 -1.71
N LYS B 48 22.19 -30.22 -1.59
CA LYS B 48 21.96 -31.65 -1.33
C LYS B 48 22.73 -32.20 -0.12
N LYS B 49 22.92 -31.35 0.89
CA LYS B 49 23.52 -31.78 2.15
C LYS B 49 22.50 -32.51 3.03
N LYS B 50 23.01 -33.15 4.08
CA LYS B 50 22.18 -33.92 5.00
C LYS B 50 21.89 -33.08 6.24
N VAL B 51 20.66 -32.58 6.33
CA VAL B 51 20.30 -31.59 7.35
C VAL B 51 19.27 -32.12 8.34
N ALA B 52 19.63 -32.04 9.63
CA ALA B 52 18.72 -32.34 10.72
C ALA B 52 18.23 -31.04 11.33
N VAL B 53 16.93 -30.95 11.58
CA VAL B 53 16.34 -29.75 12.15
C VAL B 53 15.58 -30.09 13.43
N VAL B 54 16.04 -29.55 14.54
CA VAL B 54 15.45 -29.83 15.85
C VAL B 54 14.50 -28.71 16.26
N ASP B 55 13.30 -29.09 16.72
CA ASP B 55 12.38 -28.14 17.35
C ASP B 55 11.58 -28.82 18.46
N VAL B 56 10.94 -28.01 19.28
CA VAL B 56 10.29 -28.45 20.52
C VAL B 56 9.02 -29.27 20.29
N GLN B 57 8.18 -28.83 19.36
CA GLN B 57 6.95 -29.55 19.00
C GLN B 57 6.61 -29.40 17.53
N ALA B 58 5.65 -30.20 17.07
CA ALA B 58 5.28 -30.25 15.66
C ALA B 58 4.24 -29.18 15.26
N THR B 59 3.15 -29.10 16.03
CA THR B 59 2.11 -28.11 15.76
C THR B 59 2.03 -27.11 16.91
N HIS B 60 1.46 -25.94 16.62
CA HIS B 60 1.29 -24.88 17.61
C HIS B 60 0.46 -25.36 18.81
N GLY B 61 0.75 -24.81 19.98
CA GLY B 61 0.04 -25.21 21.20
C GLY B 61 0.55 -24.58 22.48
N PRO B 62 -0.37 -24.37 23.46
CA PRO B 62 -0.11 -23.73 24.75
C PRO B 62 1.11 -24.23 25.56
N PRO B 63 1.20 -25.53 25.88
CA PRO B 63 2.25 -25.91 26.86
C PRO B 63 3.61 -25.26 26.56
N LEU B 64 4.07 -25.40 25.32
CA LEU B 64 5.30 -24.75 24.84
C LEU B 64 4.94 -24.11 23.50
N PHE B 65 4.64 -22.82 23.54
CA PHE B 65 3.93 -22.12 22.46
C PHE B 65 4.55 -22.23 21.06
N ALA B 66 5.87 -22.07 20.99
CA ALA B 66 6.61 -22.15 19.73
C ALA B 66 6.57 -23.56 19.14
N ALA B 67 6.71 -23.65 17.82
CA ALA B 67 6.65 -24.95 17.14
C ALA B 67 7.42 -24.95 15.81
N LEU B 68 7.08 -25.91 14.95
CA LEU B 68 7.60 -26.00 13.59
C LEU B 68 7.10 -24.80 12.80
N GLY B 69 8.03 -23.97 12.33
CA GLY B 69 7.69 -22.72 11.66
C GLY B 69 8.16 -21.52 12.46
N GLY B 70 8.62 -21.77 13.69
CA GLY B 70 9.15 -20.73 14.57
C GLY B 70 8.08 -19.85 15.17
N THR B 71 8.50 -18.76 15.80
CA THR B 71 7.58 -17.78 16.38
C THR B 71 6.76 -17.10 15.29
N CYS B 72 7.41 -16.76 14.17
CA CYS B 72 6.75 -16.16 13.02
C CYS B 72 5.40 -16.81 12.71
N VAL B 73 5.43 -18.12 12.46
CA VAL B 73 4.25 -18.89 12.06
C VAL B 73 3.29 -19.12 13.22
N ASN B 74 3.82 -19.57 14.34
CA ASN B 74 3.02 -20.09 15.44
C ASN B 74 2.44 -19.04 16.37
N VAL B 75 3.31 -18.20 16.93
CA VAL B 75 2.89 -17.20 17.92
C VAL B 75 3.54 -15.83 17.67
N GLY B 76 3.50 -15.38 16.43
CA GLY B 76 4.16 -14.14 16.02
C GLY B 76 3.51 -13.46 14.82
N CYS B 77 4.32 -13.16 13.82
CA CYS B 77 3.90 -12.42 12.63
C CYS B 77 2.53 -12.85 12.10
N VAL B 78 2.43 -14.12 11.73
CA VAL B 78 1.28 -14.65 11.02
C VAL B 78 -0.04 -14.52 11.81
N PRO B 79 -0.13 -15.14 13.00
CA PRO B 79 -1.38 -15.01 13.77
C PRO B 79 -1.69 -13.57 14.20
N LYS B 80 -0.65 -12.81 14.52
CA LYS B 80 -0.78 -11.40 14.91
C LYS B 80 -1.46 -10.61 13.81
N LYS B 81 -0.93 -10.69 12.59
CA LYS B 81 -1.48 -9.96 11.45
C LYS B 81 -2.96 -10.28 11.21
N LEU B 82 -3.30 -11.57 11.29
CA LEU B 82 -4.69 -12.04 11.13
C LEU B 82 -5.62 -11.39 12.16
N MET B 83 -5.13 -11.28 13.40
CA MET B 83 -5.89 -10.69 14.48
C MET B 83 -5.96 -9.17 14.39
N VAL B 84 -4.89 -8.57 13.85
CA VAL B 84 -4.88 -7.13 13.56
C VAL B 84 -5.82 -6.82 12.39
N THR B 85 -5.89 -7.72 11.41
CA THR B 85 -6.82 -7.59 10.29
C THR B 85 -8.26 -7.74 10.78
N GLY B 86 -8.46 -8.61 11.77
CA GLY B 86 -9.78 -8.84 12.33
C GLY B 86 -10.28 -7.66 13.13
N ALA B 87 -9.37 -7.05 13.88
CA ALA B 87 -9.68 -5.87 14.71
C ALA B 87 -9.96 -4.64 13.87
N GLN B 88 -9.35 -4.59 12.69
CA GLN B 88 -9.46 -3.46 11.77
C GLN B 88 -10.87 -3.32 11.19
N TYR B 89 -11.67 -4.37 11.32
CA TYR B 89 -13.04 -4.37 10.82
C TYR B 89 -13.97 -3.50 11.65
N MET B 90 -13.65 -3.35 12.94
CA MET B 90 -14.41 -2.48 13.84
C MET B 90 -14.52 -1.08 13.25
N ASP B 91 -13.38 -0.55 12.81
CA ASP B 91 -13.32 0.76 12.16
C ASP B 91 -14.06 0.76 10.83
N LEU B 92 -13.77 -0.24 10.00
CA LEU B 92 -14.32 -0.31 8.63
C LEU B 92 -15.84 -0.42 8.59
N ILE B 93 -16.42 -1.18 9.52
CA ILE B 93 -17.87 -1.31 9.63
C ILE B 93 -18.49 0.02 10.09
N ARG B 94 -17.82 0.71 10.99
CA ARG B 94 -18.23 2.05 11.43
C ARG B 94 -18.11 3.05 10.27
N GLU B 95 -17.00 2.97 9.55
CA GLU B 95 -16.70 3.88 8.44
C GLU B 95 -17.63 3.69 7.25
N SER B 96 -18.21 2.49 7.11
CA SER B 96 -19.07 2.16 5.99
C SER B 96 -20.37 2.96 5.99
N GLY B 97 -20.85 3.29 7.20
CA GLY B 97 -22.10 4.01 7.41
C GLY B 97 -22.20 5.30 6.63
N GLY B 98 -21.13 6.09 6.64
CA GLY B 98 -21.07 7.35 5.91
C GLY B 98 -21.20 7.19 4.41
N PHE B 99 -20.85 6.00 3.91
CA PHE B 99 -20.93 5.72 2.48
C PHE B 99 -22.27 5.10 2.06
N GLY B 100 -23.10 4.77 3.04
CA GLY B 100 -24.46 4.31 2.77
C GLY B 100 -24.79 2.90 3.23
N TRP B 101 -23.92 2.31 4.04
CA TRP B 101 -24.12 0.95 4.51
C TRP B 101 -24.78 0.92 5.88
N GLU B 102 -26.04 0.50 5.91
CA GLU B 102 -26.86 0.50 7.12
C GLU B 102 -27.05 -0.90 7.66
N MET B 103 -26.79 -1.07 8.96
CA MET B 103 -27.08 -2.32 9.68
C MET B 103 -27.26 -2.08 11.18
N ASP B 104 -27.36 -3.15 11.97
CA ASP B 104 -27.48 -3.03 13.43
C ASP B 104 -26.15 -2.59 14.08
N ARG B 105 -26.05 -1.30 14.39
CA ARG B 105 -24.86 -0.75 15.02
C ARG B 105 -24.99 -0.75 16.56
N GLU B 106 -26.16 -1.16 17.04
CA GLU B 106 -26.45 -1.25 18.48
C GLU B 106 -25.62 -2.35 19.17
N SER B 107 -24.73 -1.92 20.08
CA SER B 107 -23.80 -2.81 20.80
C SER B 107 -23.13 -3.88 19.93
N LEU B 108 -22.67 -3.45 18.75
CA LEU B 108 -22.04 -4.32 17.76
C LEU B 108 -20.67 -4.79 18.25
N CYS B 109 -20.66 -5.98 18.84
CA CYS B 109 -19.43 -6.57 19.37
C CYS B 109 -19.05 -7.87 18.64
N PRO B 110 -17.74 -8.19 18.58
CA PRO B 110 -17.27 -9.31 17.78
C PRO B 110 -17.13 -10.63 18.54
N ASN B 111 -16.99 -11.71 17.79
CA ASN B 111 -16.82 -13.05 18.37
C ASN B 111 -15.34 -13.43 18.43
N TRP B 112 -14.78 -13.33 19.64
CA TRP B 112 -13.38 -13.68 19.89
C TRP B 112 -13.13 -15.17 19.70
N LYS B 113 -14.13 -15.98 20.07
CA LYS B 113 -14.01 -17.44 20.01
C LYS B 113 -13.85 -17.95 18.58
N THR B 114 -14.58 -17.34 17.64
CA THR B 114 -14.52 -17.76 16.24
C THR B 114 -13.33 -17.16 15.49
N LEU B 115 -12.69 -16.15 16.10
CA LEU B 115 -11.45 -15.59 15.56
C LEU B 115 -10.27 -16.51 15.85
N ILE B 116 -10.10 -16.85 17.12
CA ILE B 116 -9.05 -17.78 17.57
C ILE B 116 -9.19 -19.13 16.86
N ALA B 117 -10.44 -19.58 16.69
CA ALA B 117 -10.73 -20.84 15.99
C ALA B 117 -10.22 -20.80 14.55
N ALA B 118 -10.57 -19.73 13.84
CA ALA B 118 -10.14 -19.52 12.47
C ALA B 118 -8.62 -19.32 12.39
N LYS B 119 -8.08 -18.61 13.37
CA LYS B 119 -6.64 -18.39 13.50
C LYS B 119 -5.91 -19.73 13.64
N ASN B 120 -6.40 -20.57 14.56
CA ASN B 120 -5.82 -21.89 14.81
C ASN B 120 -5.85 -22.78 13.57
N LYS B 121 -6.91 -22.66 12.77
CA LYS B 121 -7.06 -23.45 11.55
C LYS B 121 -5.93 -23.14 10.57
N VAL B 122 -5.64 -21.85 10.40
CA VAL B 122 -4.61 -21.39 9.47
C VAL B 122 -3.20 -21.73 9.97
N VAL B 123 -2.94 -21.44 11.24
CA VAL B 123 -1.63 -21.74 11.83
C VAL B 123 -1.33 -23.24 11.75
N ASN B 124 -2.33 -24.06 12.08
CA ASN B 124 -2.22 -25.51 11.97
C ASN B 124 -2.01 -25.97 10.54
N SER B 125 -2.65 -25.27 9.60
CA SER B 125 -2.53 -25.58 8.18
C SER B 125 -1.11 -25.33 7.68
N ILE B 126 -0.43 -24.35 8.26
CA ILE B 126 0.97 -24.07 7.94
C ILE B 126 1.87 -25.06 8.67
N ASN B 127 1.48 -25.44 9.88
CA ASN B 127 2.16 -26.50 10.63
C ASN B 127 2.19 -27.81 9.84
N GLU B 128 1.14 -28.06 9.07
CA GLU B 128 0.99 -29.30 8.32
C GLU B 128 1.80 -29.30 7.04
N SER B 129 1.91 -28.13 6.40
CA SER B 129 2.66 -28.00 5.15
C SER B 129 4.18 -28.07 5.37
N TYR B 130 4.63 -27.65 6.54
CA TYR B 130 6.03 -27.80 6.91
C TYR B 130 6.34 -29.26 7.25
N LYS B 131 5.34 -29.95 7.78
CA LYS B 131 5.47 -31.37 8.12
C LYS B 131 5.62 -32.23 6.87
N SER B 132 4.86 -31.90 5.83
CA SER B 132 4.92 -32.62 4.56
C SER B 132 6.13 -32.21 3.72
N MET B 133 6.71 -31.04 4.03
CA MET B 133 7.94 -30.59 3.39
C MET B 133 9.10 -31.52 3.73
N PHE B 134 9.16 -31.94 5.00
CA PHE B 134 10.20 -32.84 5.48
C PHE B 134 10.12 -34.22 4.82
N ALA B 135 8.89 -34.69 4.62
CA ALA B 135 8.63 -35.96 3.96
C ALA B 135 8.95 -35.91 2.45
N ASP B 136 8.80 -34.73 1.86
CA ASP B 136 9.01 -34.53 0.41
C ASP B 136 10.46 -34.18 0.04
N THR B 137 11.26 -33.81 1.03
CA THR B 137 12.65 -33.40 0.78
C THR B 137 13.65 -34.45 1.30
N GLU B 138 14.45 -34.99 0.38
CA GLU B 138 15.52 -35.91 0.74
C GLU B 138 16.65 -35.18 1.47
N GLY B 139 17.13 -35.78 2.55
CA GLY B 139 18.22 -35.21 3.34
C GLY B 139 17.74 -34.31 4.47
N LEU B 140 16.48 -33.92 4.41
CA LEU B 140 15.89 -33.02 5.42
C LEU B 140 15.02 -33.82 6.39
N SER B 141 15.46 -33.91 7.64
CA SER B 141 14.75 -34.66 8.66
C SER B 141 14.43 -33.81 9.89
N PHE B 142 13.22 -34.00 10.42
CA PHE B 142 12.77 -33.27 11.60
C PHE B 142 12.95 -34.11 12.86
N HIS B 143 13.45 -33.48 13.92
CA HIS B 143 13.76 -34.18 15.16
C HIS B 143 13.12 -33.46 16.35
N MET B 144 12.02 -34.00 16.85
CA MET B 144 11.24 -33.35 17.91
C MET B 144 11.83 -33.58 19.29
N GLY B 145 12.10 -32.48 19.99
CA GLY B 145 12.65 -32.50 21.33
C GLY B 145 13.42 -31.22 21.65
N PHE B 146 14.18 -31.26 22.74
CA PHE B 146 14.97 -30.11 23.18
C PHE B 146 16.45 -30.28 22.87
N GLY B 147 16.90 -29.66 21.80
CA GLY B 147 18.30 -29.70 21.40
C GLY B 147 19.22 -28.90 22.32
N ALA B 148 20.36 -29.49 22.64
CA ALA B 148 21.39 -28.87 23.47
C ALA B 148 22.76 -29.35 23.02
N LEU B 149 23.78 -28.52 23.19
CA LEU B 149 25.12 -28.86 22.72
C LEU B 149 25.89 -29.76 23.69
N GLN B 150 26.65 -30.69 23.11
CA GLN B 150 27.52 -31.59 23.85
C GLN B 150 28.96 -31.16 23.61
N ASP B 151 29.35 -31.12 22.34
CA ASP B 151 30.65 -30.62 21.92
C ASP B 151 30.52 -29.91 20.57
N ALA B 152 31.65 -29.63 19.93
CA ALA B 152 31.68 -28.87 18.67
C ALA B 152 30.98 -29.57 17.50
N HIS B 153 30.77 -30.88 17.62
CA HIS B 153 30.20 -31.69 16.53
C HIS B 153 28.97 -32.52 16.92
N THR B 154 28.59 -32.45 18.19
CA THR B 154 27.50 -33.28 18.71
C THR B 154 26.38 -32.46 19.36
N VAL B 155 25.17 -32.64 18.85
CA VAL B 155 23.97 -32.02 19.42
C VAL B 155 23.06 -33.09 20.00
N VAL B 156 22.77 -32.96 21.29
CA VAL B 156 21.95 -33.93 22.00
C VAL B 156 20.50 -33.43 22.09
N VAL B 157 19.56 -34.28 21.70
CA VAL B 157 18.13 -33.97 21.78
C VAL B 157 17.54 -34.65 23.01
N ARG B 158 16.95 -33.85 23.90
CA ARG B 158 16.38 -34.35 25.16
C ARG B 158 14.86 -34.30 25.16
N LYS B 159 14.24 -35.05 26.06
CA LYS B 159 12.78 -35.13 26.13
C LYS B 159 12.14 -33.84 26.65
N SER B 160 12.80 -33.20 27.61
CA SER B 160 12.34 -31.92 28.15
C SER B 160 13.49 -30.92 28.26
N GLU B 161 13.15 -29.70 28.70
CA GLU B 161 14.13 -28.62 28.85
C GLU B 161 15.15 -28.92 29.97
N ASP B 162 14.71 -29.69 30.97
CA ASP B 162 15.55 -30.16 32.06
C ASP B 162 16.69 -31.04 31.54
N PRO B 163 17.95 -30.63 31.76
CA PRO B 163 19.13 -31.32 31.22
C PRO B 163 19.43 -32.70 31.84
N HIS B 164 18.48 -33.22 32.63
CA HIS B 164 18.62 -34.55 33.23
C HIS B 164 17.52 -35.51 32.76
N SER B 165 16.61 -35.01 31.92
CA SER B 165 15.58 -35.83 31.31
C SER B 165 16.16 -36.80 30.30
N ASP B 166 15.34 -37.73 29.83
CA ASP B 166 15.77 -38.75 28.88
C ASP B 166 16.39 -38.18 27.61
N VAL B 167 17.46 -38.82 27.16
CA VAL B 167 18.17 -38.45 25.93
C VAL B 167 17.51 -39.16 24.74
N LEU B 168 16.81 -38.39 23.91
CA LEU B 168 16.09 -38.96 22.76
C LEU B 168 17.02 -39.32 21.60
N GLU B 169 17.81 -38.35 21.15
CA GLU B 169 18.69 -38.55 19.99
C GLU B 169 20.06 -37.93 20.21
N THR B 170 21.08 -38.53 19.59
CA THR B 170 22.44 -37.99 19.58
C THR B 170 22.87 -37.76 18.15
N LEU B 171 22.90 -36.49 17.74
CA LEU B 171 23.20 -36.13 16.35
C LEU B 171 24.67 -35.75 16.16
N ASP B 172 25.30 -36.38 15.18
CA ASP B 172 26.71 -36.16 14.87
C ASP B 172 26.81 -35.35 13.58
N THR B 173 27.36 -34.14 13.68
CA THR B 173 27.31 -33.18 12.56
C THR B 173 28.63 -32.46 12.26
N GLU B 174 28.76 -32.00 11.02
CA GLU B 174 29.89 -31.18 10.58
C GLU B 174 29.74 -29.74 11.08
N TYR B 175 28.53 -29.20 10.92
CA TYR B 175 28.23 -27.83 11.32
C TYR B 175 26.99 -27.75 12.19
N ILE B 176 27.02 -26.85 13.17
CA ILE B 176 25.87 -26.57 14.04
C ILE B 176 25.36 -25.16 13.75
N LEU B 177 24.04 -24.99 13.74
CA LEU B 177 23.44 -23.67 13.60
C LEU B 177 22.39 -23.42 14.67
N ILE B 178 22.58 -22.34 15.43
CA ILE B 178 21.66 -21.98 16.51
C ILE B 178 20.66 -20.94 16.03
N ALA B 179 19.40 -21.33 15.96
CA ALA B 179 18.32 -20.44 15.55
C ALA B 179 17.12 -20.59 16.47
N THR B 180 17.41 -20.61 17.77
CA THR B 180 16.39 -20.84 18.80
C THR B 180 15.57 -19.60 19.15
N GLY B 181 15.95 -18.45 18.57
CA GLY B 181 15.17 -17.23 18.69
C GLY B 181 15.18 -16.58 20.06
N SER B 182 14.02 -16.04 20.45
CA SER B 182 13.90 -15.27 21.69
C SER B 182 12.65 -15.67 22.50
N TRP B 183 12.55 -15.10 23.70
CA TRP B 183 11.51 -15.43 24.67
C TRP B 183 11.08 -14.15 25.40
N PRO B 184 9.79 -14.05 25.81
CA PRO B 184 9.31 -12.86 26.53
C PRO B 184 10.02 -12.64 27.86
N THR B 185 10.34 -11.38 28.15
CA THR B 185 10.99 -10.98 29.40
C THR B 185 9.93 -10.57 30.41
N ARG B 186 10.16 -10.91 31.67
CA ARG B 186 9.21 -10.61 32.74
C ARG B 186 9.85 -9.68 33.78
N LEU B 187 9.03 -8.83 34.38
CA LEU B 187 9.50 -7.92 35.43
C LEU B 187 9.44 -8.59 36.81
N GLY B 188 10.40 -8.28 37.66
CA GLY B 188 10.55 -8.95 38.95
C GLY B 188 9.69 -8.42 40.08
N VAL B 189 8.41 -8.16 39.78
CA VAL B 189 7.47 -7.69 40.79
C VAL B 189 6.62 -8.85 41.33
N PRO B 190 6.18 -8.74 42.60
CA PRO B 190 5.29 -9.75 43.19
C PRO B 190 3.96 -9.85 42.45
N GLY B 191 3.62 -11.06 42.02
CA GLY B 191 2.41 -11.31 41.23
C GLY B 191 2.67 -11.36 39.74
N ASP B 192 3.95 -11.51 39.39
CA ASP B 192 4.38 -11.61 38.00
C ASP B 192 3.73 -12.81 37.30
N GLU B 193 3.67 -13.94 38.00
CA GLU B 193 3.13 -15.19 37.46
C GLU B 193 1.66 -15.14 37.04
N PHE B 194 0.94 -14.13 37.51
CA PHE B 194 -0.49 -13.97 37.20
C PHE B 194 -0.72 -13.20 35.90
N CYS B 195 0.36 -12.67 35.33
CA CYS B 195 0.30 -11.93 34.07
C CYS B 195 0.55 -12.84 32.88
N ILE B 196 -0.07 -12.49 31.75
CA ILE B 196 0.14 -13.22 30.50
C ILE B 196 1.18 -12.52 29.63
N THR B 197 1.65 -13.19 28.58
CA THR B 197 2.51 -12.57 27.57
C THR B 197 1.84 -12.66 26.20
N SER B 198 2.58 -12.32 25.15
CA SER B 198 2.09 -12.47 23.78
C SER B 198 1.76 -13.94 23.49
N ASN B 199 2.55 -14.84 24.09
CA ASN B 199 2.33 -16.28 24.01
C ASN B 199 0.92 -16.71 24.44
N GLU B 200 0.56 -16.39 25.69
CA GLU B 200 -0.74 -16.76 26.24
C GLU B 200 -1.90 -16.01 25.58
N ALA B 201 -1.62 -14.79 25.11
CA ALA B 201 -2.62 -13.93 24.49
C ALA B 201 -3.35 -14.58 23.33
N PHE B 202 -2.61 -15.41 22.58
CA PHE B 202 -3.15 -16.10 21.42
C PHE B 202 -4.17 -17.19 21.76
N TYR B 203 -4.12 -17.70 22.98
CA TYR B 203 -4.94 -18.84 23.38
C TYR B 203 -5.90 -18.55 24.54
N LEU B 204 -6.27 -17.28 24.68
CA LEU B 204 -7.28 -16.86 25.66
C LEU B 204 -8.67 -17.37 25.24
N GLU B 205 -9.41 -17.91 26.20
CA GLU B 205 -10.79 -18.39 25.95
C GLU B 205 -11.70 -17.24 25.54
N ASP B 206 -11.64 -16.16 26.30
CA ASP B 206 -12.48 -14.98 26.06
C ASP B 206 -11.64 -13.72 25.89
N ALA B 207 -12.16 -12.78 25.11
CA ALA B 207 -11.57 -11.46 25.01
C ALA B 207 -11.85 -10.71 26.32
N PRO B 208 -10.81 -10.07 26.90
CA PRO B 208 -10.97 -9.35 28.16
C PRO B 208 -11.83 -8.09 28.02
N LYS B 209 -12.63 -7.82 29.04
CA LYS B 209 -13.39 -6.57 29.14
C LYS B 209 -12.48 -5.46 29.66
N ARG B 210 -11.75 -5.77 30.73
CA ARG B 210 -10.81 -4.83 31.33
C ARG B 210 -9.38 -5.29 31.05
N MET B 211 -8.73 -4.64 30.09
CA MET B 211 -7.43 -5.07 29.59
C MET B 211 -6.31 -4.07 29.91
N LEU B 212 -5.21 -4.58 30.46
CA LEU B 212 -4.00 -3.77 30.66
C LEU B 212 -2.82 -4.34 29.88
N CYS B 213 -2.29 -3.53 28.96
CA CYS B 213 -1.08 -3.87 28.22
C CYS B 213 0.09 -3.10 28.81
N VAL B 214 1.04 -3.82 29.41
CA VAL B 214 2.20 -3.21 30.03
C VAL B 214 3.36 -3.11 29.05
N GLY B 215 3.89 -1.90 28.87
CA GLY B 215 5.00 -1.66 27.94
C GLY B 215 4.60 -0.71 26.83
N GLY B 216 5.60 -0.18 26.14
CA GLY B 216 5.37 0.76 25.04
C GLY B 216 6.08 0.40 23.75
N GLY B 217 6.24 -0.91 23.51
CA GLY B 217 6.89 -1.41 22.30
C GLY B 217 5.97 -2.06 21.29
N TYR B 218 6.58 -2.54 20.19
CA TYR B 218 5.88 -3.24 19.10
C TYR B 218 4.66 -4.05 19.55
N ILE B 219 4.91 -5.06 20.38
CA ILE B 219 3.87 -5.98 20.84
C ILE B 219 2.78 -5.27 21.64
N ALA B 220 3.20 -4.41 22.57
CA ALA B 220 2.29 -3.66 23.42
C ALA B 220 1.30 -2.83 22.60
N VAL B 221 1.83 -2.11 21.62
CA VAL B 221 1.04 -1.22 20.77
C VAL B 221 0.12 -2.00 19.83
N GLU B 222 0.64 -3.10 19.28
CA GLU B 222 -0.11 -3.93 18.33
C GLU B 222 -1.28 -4.65 19.00
N PHE B 223 -1.00 -5.31 20.13
CA PHE B 223 -2.01 -6.06 20.85
C PHE B 223 -3.06 -5.19 21.54
N ALA B 224 -2.66 -3.99 21.96
CA ALA B 224 -3.62 -3.01 22.44
C ALA B 224 -4.66 -2.74 21.36
N GLY B 225 -4.23 -2.73 20.10
CA GLY B 225 -5.13 -2.56 18.96
C GLY B 225 -6.05 -3.75 18.73
N ILE B 226 -5.52 -4.95 18.96
CA ILE B 226 -6.27 -6.20 18.78
C ILE B 226 -7.39 -6.31 19.82
N PHE B 227 -7.02 -6.17 21.09
CA PHE B 227 -7.98 -6.25 22.20
C PHE B 227 -9.05 -5.16 22.12
N ASN B 228 -8.63 -3.95 21.74
CA ASN B 228 -9.54 -2.81 21.56
C ASN B 228 -10.59 -3.08 20.47
N GLY B 229 -10.20 -3.85 19.46
CA GLY B 229 -11.12 -4.23 18.41
C GLY B 229 -12.06 -5.34 18.84
N TYR B 230 -11.57 -6.21 19.72
CA TYR B 230 -12.30 -7.41 20.14
C TYR B 230 -12.87 -7.38 21.56
N LYS B 231 -12.78 -6.23 22.22
CA LYS B 231 -13.36 -6.04 23.55
C LYS B 231 -14.89 -6.22 23.49
N PRO B 232 -15.48 -6.83 24.55
CA PRO B 232 -16.94 -6.96 24.63
C PRO B 232 -17.62 -5.62 24.95
N CYS B 233 -18.93 -5.65 25.15
CA CYS B 233 -19.72 -4.45 25.43
C CYS B 233 -19.21 -3.71 26.67
N GLY B 234 -19.04 -2.40 26.52
CA GLY B 234 -18.58 -1.53 27.62
C GLY B 234 -17.15 -1.76 28.11
N GLY B 235 -16.38 -2.54 27.36
CA GLY B 235 -15.01 -2.87 27.73
C GLY B 235 -14.03 -1.76 27.41
N TYR B 236 -12.81 -1.88 27.95
CA TYR B 236 -11.77 -0.87 27.74
C TYR B 236 -10.36 -1.47 27.80
N VAL B 237 -9.44 -0.85 27.07
CA VAL B 237 -8.02 -1.27 27.05
C VAL B 237 -7.13 -0.12 27.50
N ASP B 238 -6.31 -0.39 28.52
CA ASP B 238 -5.34 0.58 29.02
C ASP B 238 -3.94 0.15 28.64
N LEU B 239 -3.25 0.97 27.85
CA LEU B 239 -1.84 0.76 27.56
C LEU B 239 -1.04 1.63 28.52
N CYS B 240 -0.12 1.04 29.26
CA CYS B 240 0.73 1.79 30.19
C CYS B 240 2.21 1.62 29.91
N TYR B 241 2.92 2.75 29.86
CA TYR B 241 4.34 2.78 29.55
C TYR B 241 5.09 3.59 30.60
N ARG B 242 6.26 3.10 31.01
CA ARG B 242 7.05 3.71 32.07
C ARG B 242 7.68 5.08 31.71
N GLY B 243 7.72 5.40 30.43
CA GLY B 243 8.37 6.62 29.96
C GLY B 243 7.44 7.70 29.40
N ASP B 244 8.04 8.73 28.81
CA ASP B 244 7.29 9.91 28.35
C ASP B 244 6.48 9.68 27.07
N LEU B 245 7.12 9.15 26.04
CA LEU B 245 6.47 8.88 24.75
C LEU B 245 6.71 7.43 24.33
N ILE B 246 5.63 6.77 23.91
CA ILE B 246 5.68 5.35 23.49
C ILE B 246 6.51 5.11 22.23
N LEU B 247 6.98 3.88 22.08
CA LEU B 247 7.80 3.44 20.93
C LEU B 247 9.11 4.21 20.80
N ARG B 248 9.96 4.10 21.82
CA ARG B 248 11.25 4.78 21.83
C ARG B 248 12.13 4.26 20.70
N GLY B 249 12.67 5.17 19.91
CA GLY B 249 13.53 4.82 18.79
C GLY B 249 12.88 5.07 17.44
N PHE B 250 11.60 5.45 17.44
CA PHE B 250 10.89 5.80 16.21
C PHE B 250 10.81 7.32 16.05
N ASP B 251 10.36 7.76 14.88
CA ASP B 251 10.16 9.19 14.62
C ASP B 251 9.20 9.78 15.66
N THR B 252 9.68 10.79 16.38
CA THR B 252 8.93 11.39 17.50
C THR B 252 7.59 11.99 17.10
N GLU B 253 7.53 12.58 15.90
CA GLU B 253 6.28 13.15 15.40
C GLU B 253 5.28 12.09 14.99
N VAL B 254 5.79 10.94 14.55
CA VAL B 254 4.98 9.76 14.24
C VAL B 254 4.44 9.16 15.53
N ARG B 255 5.32 9.02 16.53
CA ARG B 255 4.96 8.50 17.85
C ARG B 255 3.88 9.33 18.52
N LYS B 256 3.98 10.65 18.39
CA LYS B 256 3.00 11.57 18.96
C LYS B 256 1.64 11.42 18.29
N SER B 257 1.65 11.39 16.96
CA SER B 257 0.43 11.25 16.17
C SER B 257 -0.23 9.88 16.38
N LEU B 258 0.60 8.86 16.64
CA LEU B 258 0.12 7.51 16.93
C LEU B 258 -0.53 7.44 18.30
N THR B 259 0.04 8.12 19.29
CA THR B 259 -0.53 8.20 20.63
C THR B 259 -1.90 8.90 20.58
N LYS B 260 -1.99 9.94 19.76
CA LYS B 260 -3.21 10.72 19.61
C LYS B 260 -4.31 9.90 18.95
N GLN B 261 -3.92 9.08 17.97
CA GLN B 261 -4.89 8.30 17.19
C GLN B 261 -5.33 7.00 17.87
N LEU B 262 -4.46 6.42 18.69
CA LEU B 262 -4.84 5.29 19.53
C LEU B 262 -5.85 5.75 20.58
N GLY B 263 -5.63 6.97 21.09
CA GLY B 263 -6.55 7.60 22.03
C GLY B 263 -7.92 7.76 21.40
N ALA B 264 -7.96 8.41 20.24
CA ALA B 264 -9.18 8.66 19.51
C ALA B 264 -9.96 7.38 19.18
N ASN B 265 -9.21 6.28 19.00
CA ASN B 265 -9.80 4.98 18.66
C ASN B 265 -10.37 4.24 19.86
N GLY B 266 -9.98 4.65 21.07
CA GLY B 266 -10.53 4.09 22.29
C GLY B 266 -9.50 3.73 23.34
N ILE B 267 -8.28 3.41 22.90
CA ILE B 267 -7.20 2.97 23.78
C ILE B 267 -6.73 4.10 24.67
N ARG B 268 -6.80 3.89 25.98
CA ARG B 268 -6.39 4.88 26.97
C ARG B 268 -4.88 4.77 27.21
N VAL B 269 -4.11 5.62 26.53
CA VAL B 269 -2.65 5.61 26.66
C VAL B 269 -2.23 6.25 27.97
N ARG B 270 -1.36 5.56 28.71
CA ARG B 270 -1.03 5.95 30.07
C ARG B 270 0.49 5.97 30.26
N THR B 271 1.07 7.16 30.18
CA THR B 271 2.53 7.32 30.24
C THR B 271 3.06 7.53 31.66
N ASN B 272 4.39 7.36 31.81
CA ASN B 272 5.08 7.46 33.10
C ASN B 272 4.46 6.62 34.22
N LEU B 273 3.94 5.46 33.84
CA LEU B 273 3.25 4.58 34.78
C LEU B 273 3.73 3.13 34.64
N ASN B 274 3.90 2.46 35.78
CA ASN B 274 4.42 1.10 35.82
C ASN B 274 3.87 0.32 37.02
N PRO B 275 3.45 -0.93 36.79
CA PRO B 275 2.97 -1.78 37.88
C PRO B 275 4.08 -2.16 38.87
N THR B 276 3.71 -2.32 40.14
CA THR B 276 4.66 -2.67 41.20
C THR B 276 4.25 -3.91 41.99
N LYS B 277 2.94 -4.20 42.01
CA LYS B 277 2.42 -5.37 42.72
C LYS B 277 1.12 -5.83 42.08
N ILE B 278 1.00 -7.15 41.91
CA ILE B 278 -0.21 -7.74 41.33
C ILE B 278 -0.70 -8.89 42.20
N THR B 279 -1.98 -8.87 42.55
CA THR B 279 -2.58 -9.90 43.40
C THR B 279 -3.79 -10.55 42.74
N LYS B 280 -3.93 -11.85 42.96
CA LYS B 280 -5.05 -12.63 42.41
C LYS B 280 -6.31 -12.45 43.25
N ASN B 281 -7.43 -12.17 42.60
CA ASN B 281 -8.71 -12.03 43.27
C ASN B 281 -9.55 -13.32 43.17
N GLU B 282 -10.54 -13.45 44.05
CA GLU B 282 -11.37 -14.64 44.13
C GLU B 282 -12.28 -14.84 42.91
N ASP B 283 -12.75 -13.74 42.32
CA ASP B 283 -13.64 -13.79 41.16
C ASP B 283 -12.90 -14.16 39.86
N GLY B 284 -11.57 -14.02 39.88
CA GLY B 284 -10.74 -14.38 38.73
C GLY B 284 -9.90 -13.22 38.21
N SER B 285 -10.40 -12.00 38.38
CA SER B 285 -9.73 -10.80 37.90
C SER B 285 -8.43 -10.50 38.66
N ASN B 286 -7.62 -9.60 38.10
CA ASN B 286 -6.33 -9.24 38.68
C ASN B 286 -6.33 -7.84 39.28
N HIS B 287 -5.82 -7.72 40.50
CA HIS B 287 -5.69 -6.44 41.19
C HIS B 287 -4.28 -5.88 40.98
N VAL B 288 -4.20 -4.67 40.44
CA VAL B 288 -2.90 -4.09 40.05
C VAL B 288 -2.57 -2.81 40.82
N HIS B 289 -1.35 -2.76 41.37
CA HIS B 289 -0.81 -1.57 42.03
C HIS B 289 0.14 -0.83 41.07
N PHE B 290 -0.08 0.47 40.89
CA PHE B 290 0.69 1.27 39.94
C PHE B 290 1.78 2.13 40.59
N ASN B 291 2.44 2.96 39.78
CA ASN B 291 3.46 3.90 40.24
C ASN B 291 2.91 5.00 41.14
N ASP B 292 1.84 5.64 40.69
CA ASP B 292 1.20 6.72 41.44
C ASP B 292 0.43 6.22 42.67
N GLY B 293 0.55 4.92 42.95
CA GLY B 293 -0.08 4.31 44.11
C GLY B 293 -1.54 3.94 43.94
N THR B 294 -2.07 4.14 42.73
CA THR B 294 -3.46 3.81 42.42
C THR B 294 -3.67 2.31 42.28
N GLU B 295 -4.91 1.87 42.50
CA GLU B 295 -5.27 0.46 42.40
C GLU B 295 -6.39 0.27 41.38
N GLU B 296 -6.25 -0.76 40.54
CA GLU B 296 -7.25 -1.08 39.54
C GLU B 296 -7.40 -2.58 39.28
N ASP B 297 -8.57 -2.96 38.78
CA ASP B 297 -8.87 -4.35 38.45
C ASP B 297 -8.89 -4.56 36.94
N TYR B 298 -8.11 -5.53 36.47
CA TYR B 298 -8.07 -5.93 35.07
C TYR B 298 -8.33 -7.42 34.92
N ASP B 299 -9.10 -7.77 33.89
CA ASP B 299 -9.41 -9.18 33.60
C ASP B 299 -8.16 -9.94 33.13
N GLN B 300 -7.33 -9.27 32.32
CA GLN B 300 -6.06 -9.82 31.86
C GLN B 300 -5.00 -8.73 31.80
N VAL B 301 -3.75 -9.10 32.13
CA VAL B 301 -2.65 -8.14 32.11
C VAL B 301 -1.44 -8.71 31.34
N MET B 302 -1.21 -8.15 30.15
CA MET B 302 -0.15 -8.64 29.26
C MET B 302 1.14 -7.86 29.45
N LEU B 303 2.26 -8.58 29.43
CA LEU B 303 3.57 -7.95 29.58
C LEU B 303 4.34 -7.94 28.26
N ALA B 304 4.51 -6.74 27.72
CA ALA B 304 5.32 -6.55 26.52
C ALA B 304 6.60 -5.78 26.89
N ILE B 305 7.45 -6.46 27.66
CA ILE B 305 8.67 -5.89 28.22
C ILE B 305 9.85 -5.99 27.24
N GLY B 306 9.73 -6.86 26.24
CA GLY B 306 10.80 -7.12 25.29
C GLY B 306 11.10 -8.60 25.21
N ARG B 307 12.08 -8.95 24.38
CA ARG B 307 12.43 -10.36 24.17
C ARG B 307 13.93 -10.64 24.33
N VAL B 308 14.25 -11.48 25.31
CA VAL B 308 15.64 -11.93 25.53
C VAL B 308 15.92 -13.18 24.70
N PRO B 309 17.13 -13.25 24.09
CA PRO B 309 17.53 -14.43 23.31
C PRO B 309 17.40 -15.73 24.09
N ARG B 310 16.85 -16.76 23.43
CA ARG B 310 16.57 -18.05 24.05
C ARG B 310 17.78 -18.98 23.90
N SER B 311 18.67 -18.96 24.89
CA SER B 311 19.91 -19.72 24.82
C SER B 311 20.42 -20.15 26.20
N GLN B 312 19.59 -19.96 27.22
CA GLN B 312 19.99 -20.21 28.60
C GLN B 312 20.10 -21.70 28.95
N ALA B 313 19.56 -22.56 28.08
CA ALA B 313 19.53 -24.01 28.33
C ALA B 313 20.31 -24.83 27.29
N LEU B 314 20.92 -24.14 26.31
CA LEU B 314 21.61 -24.81 25.21
C LEU B 314 23.01 -25.31 25.57
N GLN B 315 23.54 -24.86 26.70
CA GLN B 315 24.88 -25.22 27.18
C GLN B 315 25.99 -24.80 26.19
N LEU B 316 26.02 -23.51 25.86
CA LEU B 316 27.01 -22.97 24.93
C LEU B 316 28.42 -22.97 25.51
N ASP B 317 28.50 -23.02 26.84
CA ASP B 317 29.76 -23.09 27.57
C ASP B 317 30.49 -24.42 27.28
N LYS B 318 29.72 -25.50 27.18
CA LYS B 318 30.28 -26.85 26.98
C LYS B 318 30.92 -27.04 25.60
N ALA B 319 30.70 -26.07 24.70
CA ALA B 319 31.28 -26.11 23.36
C ALA B 319 32.29 -24.98 23.15
N GLY B 320 32.24 -23.98 24.02
CA GLY B 320 33.11 -22.81 23.91
C GLY B 320 32.53 -21.72 23.03
N VAL B 321 31.22 -21.51 23.14
CA VAL B 321 30.52 -20.46 22.39
C VAL B 321 30.22 -19.29 23.33
N ARG B 322 30.65 -18.10 22.91
CA ARG B 322 30.58 -16.90 23.77
C ARG B 322 29.18 -16.35 23.93
N THR B 323 28.77 -16.22 25.19
CA THR B 323 27.46 -15.67 25.57
C THR B 323 27.60 -14.24 26.11
N GLY B 324 27.00 -13.29 25.39
CA GLY B 324 27.08 -11.87 25.74
C GLY B 324 26.00 -11.42 26.71
N LYS B 325 25.48 -10.21 26.49
CA LYS B 325 24.43 -9.65 27.35
C LYS B 325 23.06 -10.25 27.01
N ASN B 326 22.34 -10.65 28.06
CA ASN B 326 21.01 -11.28 27.93
C ASN B 326 21.03 -12.67 27.28
N GLY B 327 22.23 -13.24 27.12
CA GLY B 327 22.39 -14.55 26.52
C GLY B 327 22.62 -14.53 25.02
N ALA B 328 22.81 -13.32 24.46
CA ALA B 328 23.05 -13.16 23.03
C ALA B 328 24.31 -13.90 22.60
N VAL B 329 24.32 -14.35 21.35
CA VAL B 329 25.45 -15.13 20.84
C VAL B 329 26.40 -14.24 20.04
N GLN B 330 27.64 -14.15 20.51
CA GLN B 330 28.68 -13.37 19.84
C GLN B 330 29.00 -13.92 18.46
N VAL B 331 28.61 -13.16 17.43
CA VAL B 331 28.86 -13.54 16.05
C VAL B 331 29.57 -12.43 15.29
N ASP B 332 30.32 -12.80 14.27
CA ASP B 332 30.93 -11.82 13.38
C ASP B 332 29.92 -11.44 12.29
N ALA B 333 30.41 -10.80 11.23
CA ALA B 333 29.55 -10.35 10.13
C ALA B 333 28.91 -11.51 9.38
N TYR B 334 29.52 -12.69 9.47
CA TYR B 334 29.05 -13.87 8.73
C TYR B 334 28.34 -14.90 9.62
N SER B 335 27.94 -14.45 10.82
CA SER B 335 27.17 -15.27 11.78
C SER B 335 27.96 -16.37 12.49
N LYS B 336 29.28 -16.37 12.28
CA LYS B 336 30.17 -17.39 12.87
C LYS B 336 30.51 -17.07 14.32
N THR B 337 30.32 -18.06 15.19
CA THR B 337 30.59 -17.92 16.62
C THR B 337 32.08 -18.07 16.91
N SER B 338 32.43 -18.12 18.20
CA SER B 338 33.80 -18.32 18.65
C SER B 338 34.40 -19.66 18.19
N VAL B 339 33.53 -20.64 17.94
CA VAL B 339 33.93 -21.93 17.36
C VAL B 339 33.64 -21.89 15.85
N ASP B 340 34.64 -22.27 15.06
CA ASP B 340 34.60 -22.10 13.60
C ASP B 340 33.50 -22.85 12.84
N ASN B 341 32.96 -23.91 13.45
CA ASN B 341 31.94 -24.72 12.80
C ASN B 341 30.51 -24.49 13.33
N ILE B 342 30.39 -23.75 14.43
CA ILE B 342 29.09 -23.40 15.02
C ILE B 342 28.68 -21.99 14.60
N TYR B 343 27.41 -21.84 14.23
CA TYR B 343 26.86 -20.55 13.78
C TYR B 343 25.56 -20.21 14.52
N ALA B 344 25.15 -18.94 14.40
CA ALA B 344 23.91 -18.47 15.04
C ALA B 344 23.24 -17.35 14.24
N ILE B 345 21.92 -17.44 14.10
CA ILE B 345 21.14 -16.46 13.33
C ILE B 345 19.82 -16.09 14.02
N GLY B 346 19.21 -14.99 13.58
CA GLY B 346 17.91 -14.54 14.08
C GLY B 346 17.94 -13.84 15.42
N ASP B 347 16.87 -14.00 16.19
CA ASP B 347 16.70 -13.33 17.48
C ASP B 347 17.74 -13.72 18.52
N VAL B 348 18.31 -14.91 18.39
CA VAL B 348 19.27 -15.43 19.37
C VAL B 348 20.60 -14.65 19.39
N THR B 349 20.85 -13.89 18.32
CA THR B 349 22.06 -13.07 18.22
C THR B 349 21.82 -11.64 18.72
N ASN B 350 20.55 -11.25 18.80
CA ASN B 350 20.13 -9.91 19.23
C ASN B 350 20.70 -8.79 18.35
N ARG B 351 20.55 -8.94 17.03
CA ARG B 351 20.93 -7.91 16.08
C ARG B 351 19.70 -7.10 15.70
N VAL B 352 19.03 -7.48 14.62
CA VAL B 352 17.75 -6.85 14.24
C VAL B 352 16.65 -7.92 14.26
N MET B 353 15.84 -7.91 15.32
CA MET B 353 14.85 -8.98 15.56
C MET B 353 13.62 -8.90 14.65
N LEU B 354 13.77 -9.37 13.42
CA LEU B 354 12.67 -9.47 12.47
C LEU B 354 12.73 -10.79 11.71
N THR B 355 11.60 -11.22 11.16
CA THR B 355 11.53 -12.47 10.39
C THR B 355 12.33 -12.43 9.09
N PRO B 356 12.20 -11.37 8.26
CA PRO B 356 12.93 -11.34 6.99
C PRO B 356 14.44 -11.15 7.17
N VAL B 357 14.83 -10.59 8.32
CA VAL B 357 16.24 -10.44 8.69
C VAL B 357 16.87 -11.81 8.97
N ALA B 358 16.16 -12.62 9.77
CA ALA B 358 16.58 -13.98 10.10
C ALA B 358 16.66 -14.87 8.85
N ILE B 359 15.69 -14.70 7.95
CA ILE B 359 15.66 -15.42 6.68
C ILE B 359 16.89 -15.08 5.85
N ASN B 360 17.18 -13.79 5.73
CA ASN B 360 18.38 -13.34 5.01
C ASN B 360 19.66 -13.87 5.67
N GLU B 361 19.70 -13.83 6.99
CA GLU B 361 20.83 -14.36 7.77
C GLU B 361 21.06 -15.85 7.53
N GLY B 362 19.96 -16.58 7.35
CA GLY B 362 20.01 -18.02 7.05
C GLY B 362 20.48 -18.33 5.65
N ALA B 363 19.91 -17.64 4.66
CA ALA B 363 20.30 -17.81 3.26
C ALA B 363 21.77 -17.42 3.03
N ALA B 364 22.24 -16.45 3.80
CA ALA B 364 23.64 -16.00 3.74
C ALA B 364 24.57 -17.05 4.35
N PHE B 365 24.12 -17.67 5.44
CA PHE B 365 24.85 -18.73 6.11
C PHE B 365 25.11 -19.92 5.16
N VAL B 366 24.08 -20.32 4.42
CA VAL B 366 24.17 -21.39 3.43
C VAL B 366 25.16 -21.00 2.33
N GLU B 367 24.99 -19.80 1.77
CA GLU B 367 25.87 -19.27 0.73
C GLU B 367 27.35 -19.25 1.14
N THR B 368 27.59 -19.12 2.44
CA THR B 368 28.95 -19.08 2.98
C THR B 368 29.56 -20.47 3.13
N VAL B 369 29.02 -21.27 4.05
CA VAL B 369 29.61 -22.57 4.39
C VAL B 369 29.37 -23.68 3.37
N PHE B 370 28.22 -23.64 2.67
CA PHE B 370 27.88 -24.69 1.70
C PHE B 370 27.83 -24.17 0.26
N GLY B 371 27.90 -22.85 0.10
CA GLY B 371 27.77 -22.23 -1.22
C GLY B 371 29.09 -21.90 -1.90
N GLY B 372 30.12 -21.63 -1.09
CA GLY B 372 31.43 -21.25 -1.61
C GLY B 372 31.62 -19.75 -1.81
N LYS B 373 30.51 -19.01 -1.81
CA LYS B 373 30.53 -17.56 -1.99
C LYS B 373 29.95 -16.84 -0.78
N PRO B 374 30.81 -16.49 0.20
CA PRO B 374 30.41 -15.88 1.47
C PRO B 374 29.71 -14.52 1.31
N ARG B 375 28.68 -14.31 2.12
CA ARG B 375 27.92 -13.06 2.11
C ARG B 375 27.45 -12.73 3.52
N ALA B 376 27.48 -11.44 3.86
CA ALA B 376 27.00 -10.95 5.15
C ALA B 376 25.69 -10.20 4.96
N THR B 377 24.81 -10.30 5.95
CA THR B 377 23.52 -9.63 5.92
C THR B 377 23.68 -8.11 6.11
N ASP B 378 23.03 -7.34 5.25
CA ASP B 378 23.02 -5.89 5.34
C ASP B 378 21.99 -5.42 6.38
N HIS B 379 22.44 -5.28 7.62
CA HIS B 379 21.58 -4.92 8.75
C HIS B 379 21.13 -3.45 8.73
N THR B 380 21.75 -2.65 7.86
CA THR B 380 21.46 -1.23 7.76
C THR B 380 20.42 -0.93 6.68
N LYS B 381 19.68 0.16 6.87
CA LYS B 381 18.63 0.61 5.93
C LYS B 381 17.57 -0.46 5.65
N VAL B 382 17.13 -1.13 6.71
CA VAL B 382 16.13 -2.20 6.63
C VAL B 382 14.75 -1.65 6.97
N ALA B 383 13.83 -1.79 6.02
CA ALA B 383 12.45 -1.33 6.21
C ALA B 383 11.66 -2.27 7.11
N CYS B 384 11.13 -1.75 8.21
CA CYS B 384 10.24 -2.51 9.08
C CYS B 384 8.90 -1.81 9.29
N ALA B 385 7.98 -2.48 9.98
CA ALA B 385 6.65 -1.93 10.22
C ALA B 385 6.11 -2.23 11.61
N VAL B 386 5.25 -1.35 12.11
CA VAL B 386 4.49 -1.60 13.34
C VAL B 386 3.03 -1.73 12.95
N PHE B 387 2.45 -2.91 13.21
CA PHE B 387 1.08 -3.20 12.81
C PHE B 387 0.05 -2.76 13.86
N SER B 388 0.15 -1.49 14.23
CA SER B 388 -0.85 -0.82 15.06
C SER B 388 -2.01 -0.40 14.18
N ILE B 389 -3.05 0.17 14.79
CA ILE B 389 -4.15 0.76 14.02
C ILE B 389 -4.24 2.25 14.36
N PRO B 390 -3.78 3.14 13.45
CA PRO B 390 -3.20 2.85 12.13
C PRO B 390 -1.74 2.37 12.21
N PRO B 391 -1.25 1.72 11.14
CA PRO B 391 0.10 1.16 11.16
C PRO B 391 1.22 2.16 10.85
N ILE B 392 2.44 1.80 11.25
CA ILE B 392 3.66 2.57 10.95
C ILE B 392 4.49 1.85 9.88
N GLY B 393 5.07 2.63 8.98
CA GLY B 393 6.02 2.12 8.00
C GLY B 393 7.28 2.97 8.02
N THR B 394 8.39 2.37 8.43
CA THR B 394 9.65 3.12 8.58
C THR B 394 10.84 2.44 7.91
N CYS B 395 11.82 3.26 7.53
CA CYS B 395 13.08 2.77 6.97
C CYS B 395 14.15 3.83 7.09
N GLY B 396 15.18 3.54 7.89
CA GLY B 396 16.32 4.44 8.03
C GLY B 396 16.40 5.15 9.36
N MET B 397 17.18 6.24 9.38
CA MET B 397 17.47 6.97 10.61
C MET B 397 16.35 7.91 11.06
N THR B 398 16.21 8.07 12.37
CA THR B 398 15.39 9.12 12.95
C THR B 398 16.15 10.43 12.82
N GLU B 399 15.41 11.55 12.84
CA GLU B 399 16.02 12.88 12.74
C GLU B 399 17.00 13.18 13.88
N GLU B 400 16.70 12.65 15.07
CA GLU B 400 17.57 12.80 16.24
C GLU B 400 18.93 12.15 16.02
N GLU B 401 18.92 10.95 15.46
CA GLU B 401 20.14 10.15 15.23
C GLU B 401 20.95 10.71 14.06
N ALA B 402 20.27 11.08 12.98
CA ALA B 402 20.91 11.63 11.79
C ALA B 402 21.57 12.98 12.06
N ALA B 403 21.04 13.72 13.03
CA ALA B 403 21.62 14.99 13.46
C ALA B 403 22.97 14.79 14.14
N LYS B 404 23.07 13.72 14.93
CA LYS B 404 24.31 13.39 15.64
C LYS B 404 25.41 12.88 14.70
N ASN B 405 25.01 12.18 13.63
CA ASN B 405 25.97 11.54 12.73
C ASN B 405 26.31 12.33 11.45
N TYR B 406 25.57 13.39 11.19
CA TYR B 406 25.77 14.16 9.94
C TYR B 406 25.91 15.67 10.17
N GLU B 407 26.62 16.31 9.24
CA GLU B 407 26.94 17.74 9.31
C GLU B 407 25.68 18.59 9.37
N THR B 408 24.91 18.51 8.29
CA THR B 408 23.67 19.28 8.15
C THR B 408 22.59 18.40 7.51
N VAL B 409 21.42 18.33 8.17
CA VAL B 409 20.31 17.48 7.71
C VAL B 409 19.01 18.26 7.51
N ALA B 410 18.30 17.94 6.43
CA ALA B 410 17.01 18.55 6.11
C ALA B 410 15.86 17.65 6.53
N VAL B 411 14.84 18.25 7.14
CA VAL B 411 13.66 17.50 7.59
C VAL B 411 12.44 17.91 6.78
N TYR B 412 11.97 16.97 5.95
CA TYR B 412 10.75 17.14 5.16
C TYR B 412 9.57 16.51 5.91
N ALA B 413 8.43 17.19 5.91
CA ALA B 413 7.25 16.70 6.62
C ALA B 413 5.96 17.04 5.88
N SER B 414 4.98 16.15 6.01
CA SER B 414 3.69 16.31 5.37
C SER B 414 2.64 15.51 6.13
N SER B 415 1.54 16.17 6.51
CA SER B 415 0.42 15.53 7.19
C SER B 415 -0.88 15.80 6.46
N PHE B 416 -1.77 14.80 6.45
CA PHE B 416 -3.06 14.94 5.78
C PHE B 416 -4.12 13.92 6.19
N THR B 417 -5.36 14.40 6.26
CA THR B 417 -6.52 13.53 6.40
C THR B 417 -7.05 13.22 4.99
N PRO B 418 -6.99 11.94 4.57
CA PRO B 418 -7.43 11.53 3.24
C PRO B 418 -8.89 11.90 2.97
N LEU B 419 -9.20 12.22 1.71
CA LEU B 419 -10.52 12.71 1.33
C LEU B 419 -11.67 11.80 1.77
N MET B 420 -11.45 10.49 1.71
CA MET B 420 -12.47 9.50 2.08
C MET B 420 -12.91 9.59 3.54
N HIS B 421 -12.03 10.12 4.40
CA HIS B 421 -12.33 10.23 5.82
C HIS B 421 -13.26 11.39 6.19
N ASN B 422 -13.46 12.31 5.24
CA ASN B 422 -14.47 13.35 5.38
C ASN B 422 -15.88 12.78 5.28
N ILE B 423 -15.99 11.64 4.60
CA ILE B 423 -17.26 10.92 4.48
C ILE B 423 -17.39 9.83 5.55
N SER B 424 -16.29 9.14 5.85
CA SER B 424 -16.30 8.00 6.76
C SER B 424 -16.56 8.38 8.22
N GLY B 425 -16.14 9.57 8.61
CA GLY B 425 -16.34 10.05 9.97
C GLY B 425 -15.12 9.92 10.87
N SER B 426 -14.09 9.23 10.38
CA SER B 426 -12.84 9.09 11.11
C SER B 426 -11.87 10.20 10.69
N LYS B 427 -12.20 11.43 11.07
CA LYS B 427 -11.39 12.60 10.73
C LYS B 427 -10.10 12.72 11.56
N HIS B 428 -9.90 11.76 12.46
CA HIS B 428 -8.69 11.70 13.28
C HIS B 428 -7.56 10.95 12.55
N LYS B 429 -7.93 10.18 11.53
CA LYS B 429 -6.98 9.35 10.77
C LYS B 429 -6.12 10.19 9.82
N GLU B 430 -5.04 10.71 10.38
CA GLU B 430 -4.13 11.59 9.67
C GLU B 430 -2.94 10.79 9.14
N PHE B 431 -2.75 10.82 7.82
CA PHE B 431 -1.57 10.20 7.21
C PHE B 431 -0.38 11.15 7.29
N MET B 432 0.75 10.62 7.75
CA MET B 432 1.95 11.41 7.97
C MET B 432 3.15 10.79 7.26
N ILE B 433 3.91 11.62 6.56
CA ILE B 433 5.17 11.20 5.94
C ILE B 433 6.27 12.18 6.33
N ARG B 434 7.36 11.65 6.88
CA ARG B 434 8.50 12.48 7.24
C ARG B 434 9.77 11.90 6.65
N ILE B 435 10.44 12.70 5.82
CA ILE B 435 11.69 12.28 5.18
C ILE B 435 12.87 13.04 5.78
N ILE B 436 13.93 12.30 6.11
CA ILE B 436 15.15 12.86 6.69
C ILE B 436 16.31 12.67 5.73
N THR B 437 16.89 13.79 5.28
CA THR B 437 17.95 13.75 4.27
C THR B 437 19.26 14.39 4.72
N ASN B 438 20.36 13.95 4.12
CA ASN B 438 21.64 14.63 4.25
C ASN B 438 21.68 15.83 3.30
N GLU B 439 21.74 17.02 3.89
CA GLU B 439 21.69 18.29 3.14
C GLU B 439 22.82 18.41 2.11
N SER B 440 24.02 18.01 2.51
CA SER B 440 25.20 18.03 1.65
C SER B 440 24.96 17.25 0.36
N ASN B 441 24.49 16.02 0.52
CA ASN B 441 24.31 15.08 -0.58
C ASN B 441 22.94 15.20 -1.25
N GLY B 442 21.88 15.19 -0.44
CA GLY B 442 20.51 15.05 -0.93
C GLY B 442 20.01 13.64 -0.66
N GLU B 443 20.91 12.79 -0.16
CA GLU B 443 20.64 11.38 0.13
C GLU B 443 19.59 11.23 1.23
N VAL B 444 18.58 10.41 0.95
CA VAL B 444 17.53 10.08 1.92
C VAL B 444 18.07 9.12 2.97
N LEU B 445 18.09 9.56 4.22
CA LEU B 445 18.61 8.76 5.33
C LEU B 445 17.49 8.08 6.13
N GLY B 446 16.26 8.57 5.96
CA GLY B 446 15.09 8.03 6.66
C GLY B 446 13.76 8.41 6.04
N VAL B 447 12.83 7.46 6.03
CA VAL B 447 11.44 7.71 5.62
C VAL B 447 10.53 7.10 6.68
N HIS B 448 9.61 7.93 7.19
CA HIS B 448 8.73 7.51 8.28
C HIS B 448 7.28 7.83 7.95
N MET B 449 6.44 6.80 7.99
CA MET B 449 5.05 6.94 7.58
C MET B 449 4.11 6.37 8.63
N LEU B 450 2.96 7.02 8.77
CA LEU B 450 1.92 6.58 9.68
C LEU B 450 0.57 6.68 8.98
N GLY B 451 -0.15 5.56 8.93
CA GLY B 451 -1.45 5.50 8.27
C GLY B 451 -1.66 4.20 7.52
N ASP B 452 -2.85 4.04 6.94
CA ASP B 452 -3.18 2.81 6.23
C ASP B 452 -2.37 2.68 4.95
N SER B 453 -1.92 1.45 4.68
CA SER B 453 -1.05 1.11 3.54
C SER B 453 0.43 1.45 3.76
N ALA B 454 0.76 2.05 4.90
CA ALA B 454 2.13 2.45 5.22
C ALA B 454 3.17 1.31 5.23
N PRO B 455 2.80 0.11 5.74
CA PRO B 455 3.73 -1.02 5.64
C PRO B 455 3.88 -1.56 4.21
N GLU B 456 2.90 -1.28 3.36
CA GLU B 456 2.95 -1.74 1.98
C GLU B 456 3.79 -0.79 1.12
N ILE B 457 3.74 0.50 1.44
CA ILE B 457 4.48 1.51 0.68
C ILE B 457 5.97 1.47 1.04
N ILE B 458 6.28 1.32 2.33
CA ILE B 458 7.65 1.35 2.85
C ILE B 458 8.56 0.25 2.27
N GLN B 459 7.96 -0.80 1.71
CA GLN B 459 8.71 -1.90 1.11
C GLN B 459 9.52 -1.43 -0.10
N SER B 460 8.82 -0.86 -1.09
CA SER B 460 9.48 -0.34 -2.30
C SER B 460 10.20 0.98 -2.07
N VAL B 461 10.00 1.57 -0.89
CA VAL B 461 10.81 2.71 -0.45
C VAL B 461 12.19 2.19 -0.07
N GLY B 462 12.22 1.05 0.62
CA GLY B 462 13.46 0.41 1.04
C GLY B 462 14.33 -0.08 -0.11
N ILE B 463 13.71 -0.31 -1.26
CA ILE B 463 14.42 -0.67 -2.48
C ILE B 463 15.17 0.56 -3.00
N CYS B 464 14.53 1.72 -2.91
CA CYS B 464 15.15 2.99 -3.26
C CYS B 464 16.31 3.35 -2.33
N MET B 465 16.12 3.07 -1.05
CA MET B 465 17.05 3.54 -0.03
C MET B 465 18.39 2.79 0.02
N LYS B 466 18.36 1.47 -0.07
CA LYS B 466 19.61 0.71 -0.11
C LYS B 466 20.27 0.87 -1.48
N MET B 467 19.44 1.29 -2.44
CA MET B 467 19.87 1.69 -3.78
C MET B 467 20.50 3.09 -3.73
N GLY B 468 20.35 3.76 -2.60
CA GLY B 468 20.94 5.08 -2.36
C GLY B 468 20.19 6.20 -3.05
N ALA B 469 18.90 6.32 -2.74
CA ALA B 469 18.05 7.32 -3.39
C ALA B 469 18.24 8.72 -2.81
N LYS B 470 18.10 9.72 -3.68
CA LYS B 470 18.16 11.12 -3.27
C LYS B 470 16.75 11.71 -3.23
N ILE B 471 16.58 12.77 -2.44
CA ILE B 471 15.29 13.48 -2.34
C ILE B 471 14.82 14.02 -3.70
N SER B 472 15.78 14.28 -4.58
CA SER B 472 15.47 14.70 -5.95
C SER B 472 14.85 13.57 -6.78
N ASP B 473 15.25 12.33 -6.49
CA ASP B 473 14.69 11.15 -7.16
C ASP B 473 13.22 10.93 -6.82
N PHE B 474 12.84 11.37 -5.62
CA PHE B 474 11.47 11.29 -5.14
C PHE B 474 10.55 12.25 -5.89
N HIS B 475 10.71 13.55 -5.65
CA HIS B 475 9.78 14.55 -6.16
C HIS B 475 9.78 14.74 -7.68
N SER B 476 10.80 14.17 -8.36
CA SER B 476 10.85 14.18 -9.82
C SER B 476 10.04 13.04 -10.43
N THR B 477 9.62 12.10 -9.58
CA THR B 477 8.75 10.99 -10.01
C THR B 477 7.31 11.47 -10.10
N ILE B 478 6.67 11.20 -11.24
CA ILE B 478 5.26 11.53 -11.43
C ILE B 478 4.39 10.66 -10.53
N GLY B 479 3.48 11.30 -9.78
CA GLY B 479 2.67 10.62 -8.78
C GLY B 479 1.54 9.74 -9.32
N VAL B 480 1.00 8.91 -8.45
CA VAL B 480 -0.13 8.04 -8.77
C VAL B 480 -1.37 8.56 -8.02
N HIS B 481 -2.31 9.13 -8.76
CA HIS B 481 -3.45 9.83 -8.17
C HIS B 481 -4.76 9.10 -8.40
N PRO B 482 -5.59 8.96 -7.34
CA PRO B 482 -5.33 9.37 -5.97
C PRO B 482 -4.84 8.24 -5.04
N THR B 483 -3.70 8.46 -4.40
CA THR B 483 -3.15 7.53 -3.39
C THR B 483 -2.54 8.30 -2.23
N SER B 484 -2.33 7.61 -1.11
CA SER B 484 -1.63 8.18 0.04
C SER B 484 -0.13 8.32 -0.24
N ALA B 485 0.39 7.42 -1.05
CA ALA B 485 1.82 7.34 -1.36
C ALA B 485 2.31 8.46 -2.28
N GLU B 486 1.43 8.96 -3.16
CA GLU B 486 1.78 10.02 -4.12
C GLU B 486 2.37 11.26 -3.47
N GLU B 487 2.18 11.39 -2.16
CA GLU B 487 2.68 12.52 -1.39
C GLU B 487 4.20 12.46 -1.20
N LEU B 488 4.77 11.26 -1.32
CA LEU B 488 6.23 11.08 -1.29
C LEU B 488 6.92 11.89 -2.39
N CYS B 489 6.23 12.11 -3.49
CA CYS B 489 6.79 12.78 -4.66
C CYS B 489 6.30 14.23 -4.79
N SER B 490 5.86 14.80 -3.67
CA SER B 490 5.37 16.17 -3.62
C SER B 490 6.05 16.97 -2.51
N MET B 491 7.05 16.38 -1.87
CA MET B 491 7.81 17.05 -0.81
C MET B 491 9.13 17.58 -1.37
N ARG B 492 9.24 18.91 -1.45
CA ARG B 492 10.42 19.57 -2.02
C ARG B 492 11.08 20.55 -1.05
N THR B 493 10.25 21.28 -0.29
CA THR B 493 10.74 22.28 0.65
C THR B 493 10.78 21.71 2.07
N PRO B 494 11.97 21.72 2.70
CA PRO B 494 12.11 21.22 4.07
C PRO B 494 11.41 22.11 5.09
N ALA B 495 10.84 21.50 6.12
CA ALA B 495 10.18 22.23 7.20
C ALA B 495 11.21 22.98 8.06
N TYR B 496 12.28 22.27 8.41
CA TYR B 496 13.39 22.84 9.19
C TYR B 496 14.67 22.03 9.00
N PHE B 497 15.76 22.49 9.60
CA PHE B 497 17.07 21.87 9.45
C PHE B 497 17.74 21.58 10.79
N TYR B 498 18.67 20.61 10.78
CA TYR B 498 19.60 20.41 11.87
C TYR B 498 21.01 20.77 11.39
N GLU B 499 21.70 21.62 12.15
CA GLU B 499 23.03 22.09 11.79
C GLU B 499 23.99 21.78 12.93
N SER B 500 24.88 20.81 12.69
CA SER B 500 25.80 20.27 13.70
C SER B 500 25.10 19.88 15.01
N GLY B 501 23.96 19.19 14.86
CA GLY B 501 23.18 18.73 16.01
C GLY B 501 22.18 19.74 16.55
N LYS B 502 22.20 20.96 16.01
CA LYS B 502 21.34 22.05 16.49
C LYS B 502 20.18 22.34 15.55
N ARG B 503 18.98 22.45 16.12
CA ARG B 503 17.75 22.69 15.39
C ARG B 503 17.67 24.15 14.93
N VAL B 504 17.68 24.36 13.61
CA VAL B 504 17.57 25.72 13.05
C VAL B 504 16.45 25.86 12.03
N GLU B 505 15.82 27.03 12.01
CA GLU B 505 14.70 27.30 11.09
C GLU B 505 15.15 27.45 9.63
N LYS B 506 16.30 28.08 9.42
CA LYS B 506 16.89 28.19 8.08
C LYS B 506 18.38 27.87 8.08
N LEU B 507 18.97 27.89 6.89
CA LEU B 507 20.39 27.58 6.71
C LEU B 507 21.22 28.87 6.73
N SER B 508 22.23 28.90 7.61
CA SER B 508 23.01 30.11 7.87
C SER B 508 23.70 30.71 6.64
#